data_9DPB
#
_entry.id   9DPB
#
_cell.length_a   1.00
_cell.length_b   1.00
_cell.length_c   1.00
_cell.angle_alpha   90.00
_cell.angle_beta   90.00
_cell.angle_gamma   90.00
#
_symmetry.space_group_name_H-M   'P 1'
#
loop_
_entity.id
_entity.type
_entity.pdbx_description
1 polymer 'Lysine--tRNA ligase'
2 polymer 'tRNA-Lys3 (unmodified)'
3 non-polymer LYSINE
4 non-polymer 'DIPHOSPHOMETHYLPHOSPHONIC ACID ADENOSYL ESTER'
5 non-polymer 'MAGNESIUM ION'
6 non-polymer 'SODIUM ION'
#
loop_
_entity_poly.entity_id
_entity_poly.type
_entity_poly.pdbx_seq_one_letter_code
_entity_poly.pdbx_strand_id
1 'polypeptide(L)'
;MAAVQAAEVKVDGSEPKLSKNELKRRLKAEKKVAEKEAKQKELSEKQLSQATAAATNHTTDNGVGPEEESVDPNQYYKIR
SQAIHQLKVNGEDPYPHKFHVDISLTDFIQKYSHLQPGDHLTDITLKVAGRIHAKRASGGKLIFYDLRGEGVKLQVMANS
RNYKSEEEFIHINNKLRRGDIIGVQGNPGKTKKGELSIIPYEITLLSPCLHMLPHLHFGLKDKETRYRQRYLDLILNDFV
RQKFIIRSKIITYIRSFLDELGFLEIETPMMNIIPGGAVAKPFITYHNELDMNLYMRIAPELYHKMLVVGGIDRVYEIGR
QFRNEGIDLTHNPEFTTCEFYMAYADYHDLMEITEKMVSGMVKHITGSYKVTYHPDGPEGQAYDVDFTPPFRRINMVEEL
EKALGMKLPETNLFETEETRKILDDICVAKAVECPPPRTTARLLDKLVGEFLEVTCINPTFICDHPQIMSPLAKWHRSKE
GLTERFELFVMKKEICNAYTELNDPMRQRQLFEEQAKAKAAGDDEAMFIDENFCTALEYGLPPTAGWGMGIDRVAMFLTD
SNNIKEVLLFPAMKPEDKKENVATTDTLESTTVGTSV
;
A,B
2 'polyribonucleotide' GCCCGGAUAGCUCAGUCGGUAGAGCAUCAGACUUUUAAUCUGAGGGUCCAGGGUUCAAGUCCCUGUUCGGGCGCCA C
#
# COMPACT_ATOMS: atom_id res chain seq x y z
N ASP A 72 -17.66 -42.14 -12.85
CA ASP A 72 -17.63 -41.08 -13.85
C ASP A 72 -16.96 -39.84 -13.28
N PRO A 73 -15.85 -39.33 -13.87
CA PRO A 73 -15.14 -38.19 -13.30
C PRO A 73 -15.99 -36.93 -13.37
N ASN A 74 -16.82 -36.82 -14.40
CA ASN A 74 -17.66 -35.60 -14.57
C ASN A 74 -18.65 -35.48 -13.41
N GLN A 75 -19.23 -36.61 -12.97
CA GLN A 75 -20.28 -36.55 -11.91
C GLN A 75 -19.64 -36.60 -10.51
N TYR A 76 -18.32 -36.72 -10.42
CA TYR A 76 -17.69 -36.86 -9.10
C TYR A 76 -18.18 -35.77 -8.16
N TYR A 77 -18.10 -34.51 -8.58
CA TYR A 77 -18.54 -33.41 -7.72
C TYR A 77 -19.94 -33.65 -7.21
N LYS A 78 -20.89 -33.91 -8.13
CA LYS A 78 -22.26 -34.19 -7.71
C LYS A 78 -22.28 -35.28 -6.65
N ILE A 79 -21.62 -36.41 -6.93
CA ILE A 79 -21.61 -37.51 -5.98
C ILE A 79 -21.08 -37.02 -4.64
N ARG A 80 -19.94 -36.34 -4.65
CA ARG A 80 -19.38 -35.84 -3.40
C ARG A 80 -20.37 -34.94 -2.70
N SER A 81 -21.00 -34.02 -3.44
CA SER A 81 -21.97 -33.14 -2.83
C SER A 81 -23.05 -33.94 -2.12
N GLN A 82 -23.58 -34.96 -2.80
CA GLN A 82 -24.63 -35.77 -2.18
C GLN A 82 -24.13 -36.36 -0.87
N ALA A 83 -22.93 -36.95 -0.88
CA ALA A 83 -22.37 -37.49 0.35
C ALA A 83 -22.32 -36.42 1.44
N ILE A 84 -21.81 -35.24 1.09
CA ILE A 84 -21.72 -34.18 2.07
C ILE A 84 -23.11 -33.82 2.59
N HIS A 85 -24.09 -33.78 1.69
CA HIS A 85 -25.45 -33.49 2.13
C HIS A 85 -25.92 -34.51 3.15
N GLN A 86 -25.61 -35.79 2.90
CA GLN A 86 -25.98 -36.82 3.86
C GLN A 86 -25.32 -36.57 5.21
N LEU A 87 -24.05 -36.17 5.19
CA LEU A 87 -23.36 -35.88 6.45
C LEU A 87 -24.03 -34.73 7.19
N LYS A 88 -24.62 -33.79 6.45
CA LYS A 88 -25.33 -32.69 7.10
C LYS A 88 -26.69 -33.15 7.59
N VAL A 89 -27.28 -34.17 6.94
CA VAL A 89 -28.61 -34.61 7.31
C VAL A 89 -28.60 -35.32 8.65
N ASN A 90 -27.63 -36.22 8.86
CA ASN A 90 -27.59 -37.07 10.04
C ASN A 90 -26.71 -36.53 11.15
N GLY A 91 -26.59 -35.20 11.27
CA GLY A 91 -25.85 -34.62 12.37
C GLY A 91 -24.38 -34.92 12.39
N GLU A 92 -23.72 -34.91 11.24
CA GLU A 92 -22.28 -35.14 11.12
C GLU A 92 -21.64 -33.99 10.34
N ASP A 93 -21.97 -32.76 10.75
CA ASP A 93 -21.57 -31.53 10.09
C ASP A 93 -20.09 -31.55 9.71
N PRO A 94 -19.78 -31.55 8.41
CA PRO A 94 -18.37 -31.56 7.98
C PRO A 94 -17.71 -30.19 7.97
N TYR A 95 -18.30 -29.20 8.62
CA TYR A 95 -17.73 -27.85 8.71
C TYR A 95 -17.72 -27.42 10.17
N PRO A 96 -16.85 -28.01 10.99
CA PRO A 96 -16.78 -27.60 12.40
C PRO A 96 -16.26 -26.18 12.53
N HIS A 97 -16.72 -25.51 13.58
CA HIS A 97 -16.40 -24.09 13.75
C HIS A 97 -14.93 -23.89 14.11
N LYS A 98 -14.37 -24.73 14.97
CA LYS A 98 -13.03 -24.52 15.47
C LYS A 98 -12.30 -25.84 15.61
N PHE A 99 -11.04 -25.86 15.19
CA PHE A 99 -10.12 -26.95 15.47
C PHE A 99 -8.86 -26.35 16.09
N HIS A 100 -8.53 -26.77 17.30
CA HIS A 100 -7.43 -26.18 18.06
C HIS A 100 -6.12 -26.83 17.62
N VAL A 101 -5.44 -26.20 16.66
CA VAL A 101 -4.16 -26.70 16.18
C VAL A 101 -3.09 -26.38 17.22
N ASP A 102 -2.44 -27.41 17.74
CA ASP A 102 -1.43 -27.22 18.78
C ASP A 102 -0.11 -26.75 18.18
N ILE A 103 0.38 -27.46 17.17
CA ILE A 103 1.68 -27.18 16.57
C ILE A 103 1.50 -27.08 15.06
N SER A 104 2.42 -26.35 14.44
CA SER A 104 2.44 -26.21 12.99
C SER A 104 3.22 -27.37 12.36
N LEU A 105 2.98 -27.59 11.08
CA LEU A 105 3.67 -28.68 10.38
C LEU A 105 5.18 -28.44 10.34
N THR A 106 5.59 -27.20 10.09
CA THR A 106 7.02 -26.88 10.07
C THR A 106 7.65 -27.10 11.43
N ASP A 107 6.99 -26.64 12.49
CA ASP A 107 7.52 -26.85 13.83
C ASP A 107 7.54 -28.33 14.20
N PHE A 108 6.49 -29.06 13.81
CA PHE A 108 6.47 -30.51 14.05
C PHE A 108 7.66 -31.19 13.39
N ILE A 109 7.90 -30.88 12.12
CA ILE A 109 9.01 -31.50 11.38
C ILE A 109 10.34 -31.13 12.00
N GLN A 110 10.52 -29.85 12.34
CA GLN A 110 11.79 -29.41 12.92
C GLN A 110 12.04 -30.07 14.28
N LYS A 111 10.99 -30.19 15.10
CA LYS A 111 11.17 -30.71 16.45
C LYS A 111 11.42 -32.21 16.44
N TYR A 112 10.65 -32.97 15.65
CA TYR A 112 10.65 -34.42 15.76
C TYR A 112 11.39 -35.12 14.64
N SER A 113 12.23 -34.40 13.89
CA SER A 113 12.98 -35.04 12.82
C SER A 113 14.07 -35.97 13.33
N HIS A 114 14.45 -35.85 14.59
CA HIS A 114 15.53 -36.64 15.16
C HIS A 114 15.11 -38.07 15.51
N LEU A 115 13.82 -38.37 15.46
CA LEU A 115 13.35 -39.69 15.87
C LEU A 115 13.92 -40.78 14.98
N GLN A 116 14.36 -41.87 15.60
CA GLN A 116 14.86 -43.00 14.85
C GLN A 116 13.71 -43.73 14.17
N PRO A 117 13.99 -44.46 13.09
CA PRO A 117 12.93 -45.24 12.43
C PRO A 117 12.31 -46.25 13.38
N GLY A 118 10.99 -46.40 13.27
CA GLY A 118 10.25 -47.27 14.15
C GLY A 118 9.84 -46.65 15.47
N ASP A 119 10.13 -45.37 15.69
CA ASP A 119 9.79 -44.74 16.95
C ASP A 119 8.29 -44.46 17.02
N HIS A 120 7.79 -44.38 18.26
CA HIS A 120 6.38 -44.06 18.50
C HIS A 120 6.30 -43.37 19.85
N LEU A 121 6.14 -42.05 19.83
CA LEU A 121 6.11 -41.25 21.06
C LEU A 121 4.70 -41.30 21.64
N THR A 122 4.40 -42.42 22.30
CA THR A 122 3.06 -42.64 22.83
C THR A 122 2.70 -41.65 23.93
N ASP A 123 3.69 -40.94 24.47
CA ASP A 123 3.45 -40.02 25.62
C ASP A 123 3.22 -38.58 25.15
N ILE A 124 3.26 -38.35 23.83
CA ILE A 124 3.09 -37.00 23.29
C ILE A 124 1.85 -36.98 22.41
N THR A 125 0.97 -36.02 22.65
CA THR A 125 -0.24 -35.84 21.88
C THR A 125 -0.24 -34.45 21.27
N LEU A 126 -0.42 -34.37 19.95
CA LEU A 126 -0.39 -33.13 19.22
C LEU A 126 -1.54 -33.08 18.23
N LYS A 127 -1.98 -31.86 17.93
CA LYS A 127 -3.08 -31.62 16.99
C LYS A 127 -2.58 -30.74 15.86
N VAL A 128 -2.49 -31.30 14.66
CA VAL A 128 -2.09 -30.56 13.46
C VAL A 128 -3.28 -30.53 12.52
N ALA A 129 -3.12 -29.80 11.41
CA ALA A 129 -4.18 -29.69 10.42
C ALA A 129 -3.58 -29.41 9.06
N GLY A 130 -4.26 -29.88 8.02
CA GLY A 130 -3.76 -29.67 6.67
C GLY A 130 -4.63 -30.37 5.66
N ARG A 131 -4.27 -30.19 4.39
CA ARG A 131 -5.03 -30.75 3.28
C ARG A 131 -4.42 -32.07 2.84
N ILE A 132 -5.26 -33.08 2.66
CA ILE A 132 -4.80 -34.37 2.18
C ILE A 132 -4.34 -34.24 0.74
N HIS A 133 -3.15 -34.75 0.44
CA HIS A 133 -2.64 -34.76 -0.92
C HIS A 133 -2.42 -36.15 -1.47
N ALA A 134 -2.52 -37.19 -0.65
CA ALA A 134 -2.38 -38.56 -1.13
C ALA A 134 -3.08 -39.48 -0.14
N LYS A 135 -3.40 -40.68 -0.61
CA LYS A 135 -4.08 -41.67 0.22
C LYS A 135 -3.72 -43.05 -0.30
N ARG A 136 -2.84 -43.74 0.42
CA ARG A 136 -2.41 -45.09 0.05
C ARG A 136 -2.96 -46.07 1.07
N ALA A 137 -3.72 -47.05 0.60
CA ALA A 137 -4.32 -48.06 1.46
C ALA A 137 -3.48 -49.33 1.38
N SER A 138 -2.59 -49.53 2.35
CA SER A 138 -1.79 -50.74 2.41
C SER A 138 -2.53 -51.90 3.07
N GLY A 139 -3.75 -51.65 3.55
CA GLY A 139 -4.53 -52.71 4.16
C GLY A 139 -5.87 -52.16 4.60
N GLY A 140 -6.71 -53.06 5.09
CA GLY A 140 -8.01 -52.65 5.59
C GLY A 140 -7.94 -51.82 6.85
N LYS A 141 -6.81 -51.86 7.55
CA LYS A 141 -6.64 -51.13 8.80
C LYS A 141 -5.43 -50.21 8.80
N LEU A 142 -4.70 -50.10 7.69
CA LEU A 142 -3.50 -49.29 7.61
C LEU A 142 -3.60 -48.38 6.40
N ILE A 143 -3.71 -47.07 6.63
CA ILE A 143 -3.86 -46.08 5.57
C ILE A 143 -2.82 -44.99 5.79
N PHE A 144 -2.26 -44.48 4.70
CA PHE A 144 -1.26 -43.42 4.76
C PHE A 144 -1.79 -42.21 4.01
N TYR A 145 -1.89 -41.09 4.71
CA TYR A 145 -2.26 -39.81 4.11
C TYR A 145 -1.03 -38.91 4.06
N ASP A 146 -1.08 -37.90 3.21
CA ASP A 146 0.05 -36.97 3.08
C ASP A 146 -0.50 -35.55 3.30
N LEU A 147 -0.53 -35.13 4.57
CA LEU A 147 -0.90 -33.75 4.88
C LEU A 147 0.12 -32.82 4.25
N ARG A 148 -0.35 -31.71 3.70
CA ARG A 148 0.52 -30.72 3.08
C ARG A 148 0.06 -29.34 3.49
N GLY A 149 0.96 -28.57 4.07
CA GLY A 149 0.64 -27.21 4.48
C GLY A 149 1.90 -26.45 4.81
N GLU A 150 1.80 -25.13 4.69
CA GLU A 150 2.91 -24.22 4.97
C GLU A 150 4.14 -24.54 4.13
N GLY A 151 3.93 -25.18 2.98
CA GLY A 151 5.04 -25.55 2.12
C GLY A 151 5.75 -26.83 2.48
N VAL A 152 5.27 -27.56 3.49
CA VAL A 152 5.91 -28.80 3.92
C VAL A 152 4.86 -29.89 4.01
N LYS A 153 5.33 -31.14 3.92
CA LYS A 153 4.47 -32.30 3.95
C LYS A 153 4.74 -33.13 5.20
N LEU A 154 3.72 -33.85 5.65
CA LEU A 154 3.79 -34.71 6.82
C LEU A 154 2.90 -35.92 6.60
N GLN A 155 3.46 -37.10 6.80
CA GLN A 155 2.71 -38.34 6.63
C GLN A 155 1.79 -38.56 7.84
N VAL A 156 0.65 -39.18 7.57
CA VAL A 156 -0.30 -39.57 8.61
C VAL A 156 -0.52 -41.07 8.48
N MET A 157 -0.15 -41.82 9.53
CA MET A 157 -0.22 -43.27 9.52
C MET A 157 -1.46 -43.74 10.29
N ALA A 158 -2.60 -43.66 9.63
CA ALA A 158 -3.85 -44.10 10.25
C ALA A 158 -3.81 -45.62 10.42
N ASN A 159 -3.65 -46.07 11.66
CA ASN A 159 -3.64 -47.48 12.00
C ASN A 159 -4.76 -47.78 12.99
N SER A 160 -5.48 -48.88 12.76
CA SER A 160 -6.65 -49.17 13.56
C SER A 160 -6.29 -49.43 15.03
N ARG A 161 -5.20 -50.15 15.28
CA ARG A 161 -4.84 -50.49 16.64
C ARG A 161 -4.48 -49.28 17.48
N ASN A 162 -4.10 -48.16 16.85
CA ASN A 162 -3.81 -46.93 17.56
C ASN A 162 -4.94 -45.92 17.48
N TYR A 163 -6.10 -46.32 16.97
CA TYR A 163 -7.25 -45.43 16.84
C TYR A 163 -8.18 -45.61 18.04
N LYS A 164 -9.19 -44.76 18.10
CA LYS A 164 -10.18 -44.84 19.18
C LYS A 164 -10.90 -46.18 19.15
N SER A 165 -11.37 -46.58 17.98
CA SER A 165 -12.06 -47.85 17.81
C SER A 165 -12.02 -48.24 16.34
N GLU A 166 -12.24 -49.52 16.08
CA GLU A 166 -12.25 -50.00 14.70
C GLU A 166 -13.40 -49.40 13.91
N GLU A 167 -14.59 -49.32 14.51
CA GLU A 167 -15.74 -48.77 13.81
C GLU A 167 -15.52 -47.30 13.46
N GLU A 168 -15.00 -46.52 14.41
CA GLU A 168 -14.70 -45.13 14.13
C GLU A 168 -13.63 -45.01 13.05
N PHE A 169 -12.63 -45.88 13.09
CA PHE A 169 -11.58 -45.86 12.08
C PHE A 169 -12.15 -46.06 10.69
N ILE A 170 -12.95 -47.11 10.51
CA ILE A 170 -13.49 -47.39 9.18
C ILE A 170 -14.47 -46.30 8.75
N HIS A 171 -15.25 -45.77 9.70
CA HIS A 171 -16.21 -44.73 9.37
C HIS A 171 -15.50 -43.47 8.87
N ILE A 172 -14.45 -43.05 9.57
CA ILE A 172 -13.75 -41.84 9.16
C ILE A 172 -12.96 -42.07 7.88
N ASN A 173 -12.42 -43.28 7.69
CA ASN A 173 -11.62 -43.54 6.50
C ASN A 173 -12.49 -43.77 5.26
N ASN A 174 -13.77 -44.06 5.43
CA ASN A 174 -14.66 -44.18 4.28
C ASN A 174 -15.11 -42.83 3.74
N LYS A 175 -14.91 -41.74 4.48
CA LYS A 175 -15.39 -40.43 4.09
C LYS A 175 -14.27 -39.49 3.66
N LEU A 176 -13.02 -39.93 3.69
CA LEU A 176 -11.87 -39.08 3.40
C LEU A 176 -11.40 -39.31 1.98
N ARG A 177 -11.21 -38.21 1.24
CA ARG A 177 -10.69 -38.27 -0.12
C ARG A 177 -9.51 -37.31 -0.23
N ARG A 178 -8.84 -37.35 -1.37
CA ARG A 178 -7.75 -36.41 -1.61
C ARG A 178 -8.29 -34.99 -1.74
N GLY A 179 -7.54 -34.04 -1.19
CA GLY A 179 -7.89 -32.63 -1.23
C GLY A 179 -8.66 -32.17 -0.02
N ASP A 180 -9.18 -33.09 0.78
CA ASP A 180 -9.93 -32.71 1.97
C ASP A 180 -9.01 -32.11 3.02
N ILE A 181 -9.50 -31.07 3.69
CA ILE A 181 -8.79 -30.42 4.78
C ILE A 181 -9.24 -31.10 6.06
N ILE A 182 -8.28 -31.72 6.77
CA ILE A 182 -8.57 -32.49 7.96
C ILE A 182 -7.63 -32.07 9.09
N GLY A 183 -8.09 -32.30 10.31
CA GLY A 183 -7.30 -32.11 11.51
C GLY A 183 -6.99 -33.46 12.13
N VAL A 184 -5.73 -33.64 12.52
CA VAL A 184 -5.21 -34.91 13.01
C VAL A 184 -4.69 -34.72 14.42
N GLN A 185 -5.19 -35.53 15.34
CA GLN A 185 -4.70 -35.55 16.72
C GLN A 185 -4.05 -36.90 16.97
N GLY A 186 -2.80 -36.89 17.38
CA GLY A 186 -2.09 -38.14 17.57
C GLY A 186 -0.68 -37.93 18.06
N ASN A 187 0.10 -39.01 18.00
CA ASN A 187 1.45 -39.10 18.53
C ASN A 187 2.49 -39.06 17.41
N PRO A 188 3.57 -38.31 17.59
CA PRO A 188 4.64 -38.33 16.60
C PRO A 188 5.31 -39.70 16.52
N GLY A 189 5.87 -40.00 15.37
CA GLY A 189 6.58 -41.25 15.20
C GLY A 189 7.26 -41.31 13.85
N LYS A 190 7.93 -42.43 13.61
CA LYS A 190 8.61 -42.66 12.35
C LYS A 190 8.36 -44.09 11.90
N THR A 191 8.10 -44.25 10.60
CA THR A 191 7.84 -45.57 10.06
C THR A 191 9.14 -46.37 10.01
N LYS A 192 9.02 -47.64 9.61
CA LYS A 192 10.20 -48.48 9.49
C LYS A 192 11.12 -48.04 8.36
N LYS A 193 10.65 -47.16 7.48
CA LYS A 193 11.46 -46.61 6.39
C LYS A 193 12.01 -45.23 6.75
N GLY A 194 11.92 -44.85 8.02
CA GLY A 194 12.46 -43.58 8.46
C GLY A 194 11.74 -42.38 7.90
N GLU A 195 10.41 -42.43 7.86
CA GLU A 195 9.60 -41.32 7.39
C GLU A 195 8.84 -40.74 8.58
N LEU A 196 9.05 -39.47 8.86
CA LEU A 196 8.37 -38.83 9.98
C LEU A 196 6.88 -38.74 9.71
N SER A 197 6.08 -39.24 10.64
CA SER A 197 4.65 -39.29 10.49
C SER A 197 4.01 -39.08 11.86
N ILE A 198 2.68 -38.98 11.86
CA ILE A 198 1.91 -38.82 13.09
C ILE A 198 0.85 -39.91 13.13
N ILE A 199 0.94 -40.80 14.10
CA ILE A 199 -0.05 -41.85 14.27
C ILE A 199 -1.27 -41.21 14.91
N PRO A 200 -2.42 -41.20 14.24
CA PRO A 200 -3.56 -40.43 14.75
C PRO A 200 -4.41 -41.22 15.73
N TYR A 201 -4.69 -40.59 16.87
CA TYR A 201 -5.70 -41.10 17.77
C TYR A 201 -7.11 -40.77 17.30
N GLU A 202 -7.27 -39.70 16.53
CA GLU A 202 -8.58 -39.30 16.02
C GLU A 202 -8.37 -38.32 14.87
N ILE A 203 -9.04 -38.58 13.74
CA ILE A 203 -8.98 -37.71 12.57
C ILE A 203 -10.33 -37.02 12.42
N THR A 204 -10.29 -35.71 12.24
CA THR A 204 -11.49 -34.88 12.12
C THR A 204 -11.53 -34.25 10.74
N LEU A 205 -12.68 -34.33 10.08
CA LEU A 205 -12.86 -33.71 8.77
C LEU A 205 -13.30 -32.25 8.96
N LEU A 206 -12.50 -31.33 8.44
CA LEU A 206 -12.76 -29.90 8.59
C LEU A 206 -13.40 -29.26 7.37
N SER A 207 -12.95 -29.61 6.17
CA SER A 207 -13.51 -29.03 4.95
C SER A 207 -13.32 -30.02 3.81
N PRO A 208 -14.38 -30.71 3.41
CA PRO A 208 -14.27 -31.65 2.29
C PRO A 208 -14.03 -30.93 0.98
N CYS A 209 -13.31 -31.60 0.09
CA CYS A 209 -13.09 -31.11 -1.27
C CYS A 209 -14.13 -31.72 -2.20
N LEU A 210 -15.00 -30.88 -2.75
CA LEU A 210 -16.07 -31.36 -3.62
C LEU A 210 -15.63 -31.56 -5.06
N HIS A 211 -14.45 -31.09 -5.43
CA HIS A 211 -13.94 -31.20 -6.79
C HIS A 211 -12.76 -32.15 -6.84
N MET A 212 -12.69 -32.96 -7.89
CA MET A 212 -11.62 -33.94 -8.03
C MET A 212 -10.28 -33.23 -8.22
N LEU A 213 -9.43 -33.29 -7.20
CA LEU A 213 -8.10 -32.70 -7.30
C LEU A 213 -7.20 -33.63 -8.11
N PRO A 214 -6.63 -33.18 -9.22
CA PRO A 214 -5.78 -34.07 -10.02
C PRO A 214 -4.50 -34.42 -9.28
N HIS A 215 -4.01 -35.63 -9.56
CA HIS A 215 -2.67 -36.04 -9.10
C HIS A 215 -1.72 -35.83 -10.27
N LEU A 216 -1.32 -34.57 -10.44
CA LEU A 216 -0.44 -34.18 -11.54
C LEU A 216 1.00 -34.24 -11.05
N HIS A 217 1.73 -35.26 -11.47
CA HIS A 217 3.16 -35.27 -11.23
C HIS A 217 3.82 -34.17 -12.07
N PHE A 218 4.92 -33.63 -11.55
CA PHE A 218 5.63 -32.48 -12.11
C PHE A 218 4.82 -31.20 -12.01
N GLY A 219 3.68 -31.22 -11.32
CA GLY A 219 2.91 -30.02 -11.08
C GLY A 219 1.99 -29.65 -12.22
N LEU A 220 1.16 -28.65 -11.97
CA LEU A 220 0.27 -28.11 -13.00
C LEU A 220 1.06 -27.23 -13.95
N LYS A 221 0.85 -27.44 -15.25
CA LYS A 221 1.61 -26.73 -16.27
C LYS A 221 0.77 -25.90 -17.22
N ASP A 222 -0.54 -26.08 -17.25
CA ASP A 222 -1.40 -25.30 -18.14
C ASP A 222 -1.48 -23.87 -17.63
N LYS A 223 -0.94 -22.92 -18.38
CA LYS A 223 -0.94 -21.52 -17.96
C LYS A 223 -2.25 -20.83 -18.30
N GLU A 224 -3.35 -21.48 -17.97
CA GLU A 224 -4.66 -20.84 -18.04
C GLU A 224 -5.45 -21.03 -16.76
N THR A 225 -5.37 -22.21 -16.13
CA THR A 225 -5.92 -22.40 -14.80
C THR A 225 -4.94 -21.95 -13.72
N ARG A 226 -3.66 -21.81 -14.05
CA ARG A 226 -2.69 -21.30 -13.09
C ARG A 226 -2.97 -19.85 -12.74
N TYR A 227 -3.35 -19.04 -13.73
CA TYR A 227 -3.60 -17.63 -13.51
C TYR A 227 -5.06 -17.34 -13.21
N ARG A 228 -5.98 -18.03 -13.86
CA ARG A 228 -7.41 -17.83 -13.61
C ARG A 228 -7.87 -18.49 -12.32
N GLN A 229 -7.17 -19.52 -11.86
CA GLN A 229 -7.46 -20.19 -10.59
C GLN A 229 -6.16 -20.24 -9.81
N ARG A 230 -5.85 -19.17 -9.07
CA ARG A 230 -4.58 -19.09 -8.37
C ARG A 230 -4.53 -20.06 -7.19
N TYR A 231 -5.69 -20.36 -6.59
CA TYR A 231 -5.72 -21.31 -5.50
C TYR A 231 -5.30 -22.70 -5.96
N LEU A 232 -5.75 -23.11 -7.15
CA LEU A 232 -5.31 -24.38 -7.70
C LEU A 232 -3.81 -24.40 -7.96
N ASP A 233 -3.27 -23.29 -8.47
CA ASP A 233 -1.83 -23.21 -8.69
C ASP A 233 -1.06 -23.33 -7.39
N LEU A 234 -1.53 -22.66 -6.34
CA LEU A 234 -0.89 -22.77 -5.03
C LEU A 234 -0.98 -24.17 -4.46
N ILE A 235 -2.12 -24.85 -4.63
CA ILE A 235 -2.26 -26.21 -4.11
C ILE A 235 -1.33 -27.17 -4.85
N LEU A 236 -1.32 -27.10 -6.18
CA LEU A 236 -0.62 -28.11 -6.96
C LEU A 236 0.85 -27.75 -7.20
N ASN A 237 1.18 -26.47 -7.27
CA ASN A 237 2.54 -26.02 -7.53
C ASN A 237 3.10 -25.34 -6.29
N ASP A 238 4.35 -25.65 -5.93
CA ASP A 238 4.91 -25.11 -4.66
C ASP A 238 5.76 -23.86 -4.91
N PHE A 239 6.31 -23.69 -6.12
CA PHE A 239 7.20 -22.56 -6.34
C PHE A 239 6.46 -21.24 -6.31
N VAL A 240 5.13 -21.28 -6.43
CA VAL A 240 4.30 -20.08 -6.45
C VAL A 240 4.38 -19.37 -5.11
N ARG A 241 4.31 -20.17 -4.03
CA ARG A 241 4.40 -19.59 -2.69
C ARG A 241 5.74 -18.91 -2.48
N GLN A 242 6.82 -19.54 -2.93
CA GLN A 242 8.14 -18.91 -2.85
C GLN A 242 8.22 -17.63 -3.69
N LYS A 243 7.64 -17.65 -4.89
CA LYS A 243 7.60 -16.46 -5.74
C LYS A 243 6.92 -15.30 -5.06
N PHE A 244 5.79 -15.54 -4.38
CA PHE A 244 5.09 -14.46 -3.69
C PHE A 244 5.76 -14.04 -2.38
N ILE A 245 6.36 -14.98 -1.65
CA ILE A 245 7.11 -14.62 -0.46
C ILE A 245 8.30 -13.74 -0.82
N ILE A 246 8.94 -14.01 -1.95
CA ILE A 246 10.07 -13.18 -2.39
C ILE A 246 9.61 -11.76 -2.67
N ARG A 247 8.46 -11.60 -3.32
CA ARG A 247 7.95 -10.26 -3.59
C ARG A 247 7.62 -9.52 -2.31
N SER A 248 6.98 -10.21 -1.36
CA SER A 248 6.68 -9.57 -0.08
C SER A 248 7.96 -9.15 0.63
N LYS A 249 8.98 -10.02 0.61
CA LYS A 249 10.26 -9.69 1.23
C LYS A 249 10.92 -8.50 0.53
N ILE A 250 10.80 -8.42 -0.79
CA ILE A 250 11.36 -7.29 -1.54
C ILE A 250 10.73 -6.00 -1.07
N ILE A 251 9.40 -5.97 -1.01
CA ILE A 251 8.71 -4.75 -0.59
C ILE A 251 9.07 -4.39 0.85
N THR A 252 9.14 -5.40 1.73
CA THR A 252 9.52 -5.14 3.11
C THR A 252 10.93 -4.58 3.22
N TYR A 253 11.86 -5.13 2.45
CA TYR A 253 13.23 -4.61 2.49
C TYR A 253 13.29 -3.17 2.01
N ILE A 254 12.57 -2.85 0.94
CA ILE A 254 12.56 -1.48 0.45
C ILE A 254 11.98 -0.54 1.50
N ARG A 255 10.89 -0.94 2.13
CA ARG A 255 10.28 -0.15 3.18
C ARG A 255 11.24 0.09 4.32
N SER A 256 11.92 -0.96 4.78
CA SER A 256 12.85 -0.84 5.90
C SER A 256 14.02 0.07 5.54
N PHE A 257 14.56 -0.10 4.33
CA PHE A 257 15.68 0.72 3.88
C PHE A 257 15.30 2.19 3.88
N LEU A 258 14.17 2.52 3.25
CA LEU A 258 13.77 3.93 3.15
C LEU A 258 13.43 4.50 4.52
N ASP A 259 12.77 3.71 5.38
CA ASP A 259 12.45 4.20 6.72
C ASP A 259 13.71 4.46 7.54
N GLU A 260 14.70 3.57 7.43
CA GLU A 260 15.96 3.78 8.13
C GLU A 260 16.70 4.99 7.58
N LEU A 261 16.55 5.29 6.29
CA LEU A 261 17.17 6.49 5.72
C LEU A 261 16.54 7.77 6.25
N GLY A 262 15.42 7.69 6.94
CA GLY A 262 14.76 8.87 7.47
C GLY A 262 13.52 9.32 6.72
N PHE A 263 13.00 8.49 5.83
CA PHE A 263 11.88 8.86 4.99
C PHE A 263 10.55 8.74 5.76
N LEU A 264 9.50 9.28 5.16
CA LEU A 264 8.15 9.23 5.70
C LEU A 264 7.22 8.68 4.64
N GLU A 265 6.57 7.55 4.94
CA GLU A 265 5.65 6.95 3.99
C GLU A 265 4.33 7.71 3.97
N ILE A 266 3.81 7.96 2.77
CA ILE A 266 2.63 8.80 2.58
C ILE A 266 1.62 8.05 1.72
N GLU A 267 0.39 8.56 1.72
CA GLU A 267 -0.68 8.01 0.91
C GLU A 267 -1.32 9.16 0.12
N THR A 268 -1.11 9.15 -1.18
CA THR A 268 -1.62 10.16 -2.08
C THR A 268 -2.90 9.68 -2.76
N PRO A 269 -3.79 10.60 -3.16
CA PRO A 269 -5.06 10.17 -3.76
C PRO A 269 -4.85 9.35 -5.01
N MET A 270 -5.67 8.30 -5.15
CA MET A 270 -5.67 7.48 -6.36
C MET A 270 -6.65 7.98 -7.40
N MET A 271 -7.51 8.93 -7.06
CA MET A 271 -8.48 9.52 -7.98
C MET A 271 -8.18 11.01 -8.10
N ASN A 272 -7.90 11.46 -9.31
CA ASN A 272 -7.54 12.85 -9.56
C ASN A 272 -8.62 13.52 -10.40
N ILE A 273 -8.89 14.78 -10.10
CA ILE A 273 -9.85 15.55 -10.90
C ILE A 273 -9.34 15.70 -12.33
N ILE A 274 -8.05 15.99 -12.48
CA ILE A 274 -7.46 16.18 -13.81
C ILE A 274 -6.70 14.91 -14.21
N PRO A 275 -6.63 14.59 -15.50
CA PRO A 275 -5.85 13.42 -15.92
C PRO A 275 -4.37 13.75 -16.01
N GLY A 276 -4.07 14.99 -16.37
CA GLY A 276 -2.73 15.42 -16.65
C GLY A 276 -2.44 15.39 -18.15
N GLY A 277 -1.28 15.95 -18.50
CA GLY A 277 -0.84 15.98 -19.88
C GLY A 277 -0.08 14.75 -20.33
N ALA A 278 0.01 13.72 -19.50
CA ALA A 278 0.79 12.54 -19.84
C ALA A 278 0.14 11.77 -20.98
N VAL A 279 0.96 10.99 -21.67
CA VAL A 279 0.49 10.22 -22.83
C VAL A 279 -0.20 8.92 -22.43
N ALA A 280 -0.02 8.47 -21.19
CA ALA A 280 -0.67 7.24 -20.74
C ALA A 280 -2.19 7.45 -20.67
N LYS A 281 -2.93 6.46 -21.15
CA LYS A 281 -4.37 6.55 -21.14
C LYS A 281 -4.91 6.33 -19.74
N PRO A 282 -5.73 7.24 -19.22
CA PRO A 282 -6.22 7.11 -17.85
C PRO A 282 -7.51 6.29 -17.78
N PHE A 283 -7.92 6.01 -16.56
CA PHE A 283 -9.16 5.29 -16.26
C PHE A 283 -10.16 6.35 -15.77
N ILE A 284 -11.26 6.50 -16.49
CA ILE A 284 -12.25 7.53 -16.16
C ILE A 284 -13.42 6.89 -15.41
N THR A 285 -13.67 7.41 -14.22
CA THR A 285 -14.80 7.02 -13.38
C THR A 285 -15.76 8.21 -13.27
N TYR A 286 -16.91 7.98 -12.64
CA TYR A 286 -17.90 9.04 -12.49
C TYR A 286 -18.35 9.10 -11.04
N HIS A 287 -18.14 10.25 -10.40
CA HIS A 287 -18.62 10.49 -9.05
C HIS A 287 -20.00 11.10 -9.14
N ASN A 288 -21.00 10.43 -8.55
CA ASN A 288 -22.40 10.91 -8.65
C ASN A 288 -22.65 12.02 -7.61
N GLU A 289 -22.19 11.80 -6.38
CA GLU A 289 -22.41 12.80 -5.29
C GLU A 289 -21.94 14.18 -5.79
N LEU A 290 -20.72 14.28 -6.31
CA LEU A 290 -20.17 15.58 -6.77
C LEU A 290 -20.50 15.78 -8.25
N ASP A 291 -21.17 14.80 -8.89
CA ASP A 291 -21.60 14.95 -10.30
C ASP A 291 -20.42 15.37 -11.18
N MET A 292 -19.40 14.53 -11.31
CA MET A 292 -18.21 14.87 -12.13
C MET A 292 -17.42 13.58 -12.45
N ASN A 293 -16.51 13.64 -13.41
CA ASN A 293 -15.67 12.46 -13.74
C ASN A 293 -14.43 12.43 -12.84
N LEU A 294 -13.88 11.24 -12.59
CA LEU A 294 -12.64 11.12 -11.77
C LEU A 294 -11.62 10.26 -12.54
N TYR A 295 -10.35 10.69 -12.55
CA TYR A 295 -9.32 9.97 -13.28
C TYR A 295 -8.42 9.23 -12.31
N MET A 296 -8.16 7.96 -12.61
CA MET A 296 -7.31 7.15 -11.73
C MET A 296 -5.86 7.58 -11.84
N ARG A 297 -5.09 7.21 -10.82
CA ARG A 297 -3.71 7.65 -10.70
C ARG A 297 -2.83 7.04 -11.78
N ILE A 298 -1.92 7.85 -12.32
CA ILE A 298 -0.84 7.37 -13.16
C ILE A 298 0.49 7.42 -12.43
N ALA A 299 0.72 8.45 -11.64
CA ALA A 299 1.91 8.58 -10.82
C ALA A 299 1.60 9.47 -9.63
N PRO A 300 2.26 9.25 -8.48
CA PRO A 300 2.04 10.13 -7.32
C PRO A 300 2.94 11.34 -7.35
N GLU A 301 3.47 11.63 -8.54
CA GLU A 301 4.47 12.67 -8.74
C GLU A 301 4.05 14.00 -8.12
N LEU A 302 2.94 14.56 -8.61
CA LEU A 302 2.60 15.94 -8.28
C LEU A 302 2.32 16.11 -6.79
N TYR A 303 1.61 15.16 -6.20
CA TYR A 303 1.31 15.27 -4.77
C TYR A 303 2.55 15.13 -3.91
N HIS A 304 3.48 14.26 -4.31
CA HIS A 304 4.75 14.16 -3.61
C HIS A 304 5.51 15.48 -3.65
N LYS A 305 5.53 16.12 -4.82
CA LYS A 305 6.21 17.41 -4.91
C LYS A 305 5.50 18.50 -4.13
N MET A 306 4.15 18.49 -4.10
CA MET A 306 3.43 19.41 -3.23
C MET A 306 3.74 19.19 -1.76
N LEU A 307 3.95 17.94 -1.35
CA LEU A 307 4.35 17.67 0.03
C LEU A 307 5.75 18.18 0.30
N VAL A 308 6.67 17.97 -0.64
CA VAL A 308 8.03 18.47 -0.47
C VAL A 308 8.03 19.99 -0.37
N VAL A 309 7.15 20.66 -1.12
CA VAL A 309 6.97 22.10 -0.95
C VAL A 309 6.51 22.41 0.47
N GLY A 310 5.64 21.56 1.03
CA GLY A 310 5.09 21.85 2.34
C GLY A 310 6.13 21.89 3.43
N GLY A 311 7.15 21.04 3.35
CA GLY A 311 8.20 21.05 4.35
C GLY A 311 8.76 19.68 4.68
N ILE A 312 8.09 18.62 4.23
CA ILE A 312 8.56 17.27 4.46
C ILE A 312 9.60 16.95 3.40
N ASP A 313 10.88 16.92 3.81
CA ASP A 313 11.97 16.84 2.84
C ASP A 313 11.99 15.49 2.13
N ARG A 314 11.91 14.39 2.88
CA ARG A 314 12.05 13.06 2.33
C ARG A 314 10.74 12.32 2.48
N VAL A 315 10.13 11.95 1.34
CA VAL A 315 8.87 11.23 1.33
C VAL A 315 9.02 10.04 0.40
N TYR A 316 8.19 9.02 0.62
CA TYR A 316 8.19 7.87 -0.26
C TYR A 316 6.82 7.20 -0.21
N GLU A 317 6.56 6.39 -1.23
CA GLU A 317 5.27 5.71 -1.35
C GLU A 317 5.43 4.51 -2.28
N ILE A 318 5.04 3.34 -1.82
CA ILE A 318 4.95 2.14 -2.63
C ILE A 318 3.47 1.95 -2.92
N GLY A 319 3.05 2.28 -4.14
CA GLY A 319 1.63 2.32 -4.43
C GLY A 319 1.22 1.67 -5.73
N ARG A 320 -0.08 1.77 -6.02
CA ARG A 320 -0.64 1.12 -7.23
C ARG A 320 -1.04 2.18 -8.26
N GLN A 321 -0.46 2.04 -9.47
CA GLN A 321 -0.80 2.96 -10.58
C GLN A 321 -1.66 2.20 -11.58
N PHE A 322 -2.54 2.90 -12.28
CA PHE A 322 -3.47 2.31 -13.23
C PHE A 322 -3.20 2.86 -14.63
N ARG A 323 -3.39 1.99 -15.63
CA ARG A 323 -3.12 2.36 -17.02
C ARG A 323 -4.15 1.68 -17.91
N ASN A 324 -4.85 2.48 -18.71
CA ASN A 324 -5.85 1.95 -19.63
C ASN A 324 -5.23 1.52 -20.95
N GLU A 325 -4.21 0.68 -20.87
CA GLU A 325 -3.52 0.16 -22.03
C GLU A 325 -3.85 -1.32 -22.20
N GLY A 326 -3.20 -1.96 -23.17
CA GLY A 326 -3.44 -3.36 -23.43
C GLY A 326 -2.81 -4.26 -22.39
N ILE A 327 -3.24 -5.51 -22.40
CA ILE A 327 -2.72 -6.55 -21.52
C ILE A 327 -1.88 -7.49 -22.36
N ASP A 328 -0.61 -7.65 -21.99
CA ASP A 328 0.32 -8.48 -22.73
C ASP A 328 1.20 -9.23 -21.73
N LEU A 329 2.31 -9.77 -22.22
CA LEU A 329 3.16 -10.61 -21.39
C LEU A 329 3.76 -9.82 -20.23
N THR A 330 4.11 -8.55 -20.46
CA THR A 330 4.81 -7.76 -19.45
C THR A 330 4.07 -6.48 -19.10
N HIS A 331 2.74 -6.48 -19.19
CA HIS A 331 1.96 -5.30 -18.85
C HIS A 331 0.68 -5.73 -18.13
N ASN A 332 0.22 -4.85 -17.24
CA ASN A 332 -1.01 -5.06 -16.49
C ASN A 332 -1.73 -3.73 -16.36
N PRO A 333 -3.07 -3.74 -16.27
CA PRO A 333 -3.80 -2.48 -16.04
C PRO A 333 -3.43 -1.79 -14.74
N GLU A 334 -3.10 -2.55 -13.70
CA GLU A 334 -2.67 -1.98 -12.43
C GLU A 334 -1.35 -2.58 -12.02
N PHE A 335 -0.45 -1.76 -11.50
CA PHE A 335 0.88 -2.24 -11.15
C PHE A 335 1.42 -1.45 -9.97
N THR A 336 2.29 -2.09 -9.20
CA THR A 336 2.86 -1.50 -8.00
C THR A 336 4.23 -0.91 -8.32
N THR A 337 4.41 0.36 -7.96
CA THR A 337 5.67 1.06 -8.16
C THR A 337 6.09 1.78 -6.88
N CYS A 338 7.39 1.92 -6.70
CA CYS A 338 7.94 2.67 -5.57
C CYS A 338 8.44 4.02 -6.06
N GLU A 339 8.15 5.07 -5.28
CA GLU A 339 8.57 6.41 -5.66
C GLU A 339 8.94 7.18 -4.40
N PHE A 340 10.14 7.73 -4.35
CA PHE A 340 10.53 8.61 -3.27
C PHE A 340 11.06 9.93 -3.82
N TYR A 341 11.02 10.94 -2.97
CA TYR A 341 11.51 12.28 -3.30
C TYR A 341 12.25 12.82 -2.10
N MET A 342 13.48 13.28 -2.31
CA MET A 342 14.27 13.84 -1.22
C MET A 342 14.74 15.24 -1.60
N ALA A 343 14.68 16.15 -0.62
CA ALA A 343 15.08 17.52 -0.85
C ALA A 343 16.58 17.69 -0.63
N TYR A 344 17.15 18.70 -1.29
CA TYR A 344 18.57 19.04 -1.20
C TYR A 344 19.43 17.86 -1.63
N ALA A 345 19.21 17.43 -2.88
CA ALA A 345 19.98 16.35 -3.47
C ALA A 345 19.86 16.45 -4.99
N ASP A 346 20.42 15.46 -5.68
CA ASP A 346 20.34 15.38 -7.13
C ASP A 346 20.45 13.91 -7.53
N TYR A 347 20.43 13.66 -8.84
CA TYR A 347 20.47 12.29 -9.32
C TYR A 347 21.81 11.63 -8.97
N HIS A 348 22.90 12.39 -9.01
CA HIS A 348 24.19 11.82 -8.63
C HIS A 348 24.23 11.45 -7.15
N ASP A 349 23.40 12.09 -6.32
CA ASP A 349 23.29 11.67 -4.93
C ASP A 349 22.46 10.40 -4.81
N LEU A 350 21.43 10.26 -5.64
CA LEU A 350 20.61 9.05 -5.62
C LEU A 350 21.30 7.86 -6.25
N MET A 351 22.39 8.06 -7.00
CA MET A 351 23.10 6.93 -7.59
C MET A 351 23.61 5.98 -6.52
N GLU A 352 24.25 6.53 -5.48
CA GLU A 352 24.79 5.69 -4.41
C GLU A 352 23.67 5.02 -3.61
N ILE A 353 22.59 5.74 -3.37
CA ILE A 353 21.46 5.17 -2.64
C ILE A 353 20.86 4.01 -3.44
N THR A 354 20.72 4.17 -4.75
CA THR A 354 20.20 3.10 -5.59
C THR A 354 21.16 1.90 -5.58
N GLU A 355 22.46 2.16 -5.67
CA GLU A 355 23.44 1.08 -5.59
C GLU A 355 23.26 0.29 -4.30
N LYS A 356 23.22 0.99 -3.17
CA LYS A 356 23.09 0.31 -1.89
C LYS A 356 21.79 -0.46 -1.80
N MET A 357 20.68 0.15 -2.23
CA MET A 357 19.38 -0.50 -2.12
C MET A 357 19.34 -1.77 -2.96
N VAL A 358 19.77 -1.69 -4.22
CA VAL A 358 19.68 -2.84 -5.10
C VAL A 358 20.62 -3.95 -4.66
N SER A 359 21.88 -3.60 -4.35
CA SER A 359 22.84 -4.63 -3.93
C SER A 359 22.40 -5.29 -2.63
N GLY A 360 21.95 -4.50 -1.66
CA GLY A 360 21.50 -5.07 -0.40
C GLY A 360 20.25 -5.91 -0.56
N MET A 361 19.34 -5.49 -1.44
CA MET A 361 18.15 -6.30 -1.69
C MET A 361 18.52 -7.64 -2.30
N VAL A 362 19.43 -7.64 -3.27
CA VAL A 362 19.84 -8.91 -3.88
C VAL A 362 20.52 -9.80 -2.85
N LYS A 363 21.41 -9.23 -2.04
CA LYS A 363 22.09 -10.01 -1.02
C LYS A 363 21.13 -10.56 0.02
N HIS A 364 20.13 -9.77 0.41
CA HIS A 364 19.19 -10.19 1.44
C HIS A 364 18.20 -11.22 0.94
N ILE A 365 17.82 -11.14 -0.34
CA ILE A 365 16.85 -12.08 -0.88
C ILE A 365 17.53 -13.38 -1.31
N THR A 366 18.48 -13.28 -2.24
CA THR A 366 19.08 -14.49 -2.80
C THR A 366 20.22 -15.03 -1.97
N GLY A 367 20.72 -14.28 -0.98
CA GLY A 367 21.83 -14.73 -0.19
C GLY A 367 23.19 -14.51 -0.81
N SER A 368 23.25 -13.94 -2.01
CA SER A 368 24.52 -13.69 -2.69
C SER A 368 24.33 -12.52 -3.64
N TYR A 369 25.41 -12.15 -4.32
CA TYR A 369 25.40 -11.05 -5.26
C TYR A 369 25.23 -11.51 -6.71
N LYS A 370 25.04 -12.80 -6.95
CA LYS A 370 24.92 -13.35 -8.28
C LYS A 370 23.54 -13.95 -8.47
N VAL A 371 22.89 -13.61 -9.58
CA VAL A 371 21.54 -14.07 -9.88
C VAL A 371 21.55 -14.71 -11.27
N THR A 372 20.94 -15.89 -11.39
CA THR A 372 20.78 -16.56 -12.66
C THR A 372 19.38 -16.30 -13.17
N TYR A 373 19.27 -15.76 -14.38
CA TYR A 373 17.99 -15.39 -14.97
C TYR A 373 17.84 -16.03 -16.34
N HIS A 374 16.64 -16.52 -16.63
CA HIS A 374 16.33 -17.13 -17.91
C HIS A 374 15.29 -16.27 -18.62
N PRO A 375 15.71 -15.39 -19.53
CA PRO A 375 14.75 -14.51 -20.20
C PRO A 375 13.79 -15.24 -21.14
N ASP A 376 14.12 -16.45 -21.57
CA ASP A 376 13.33 -17.19 -22.53
C ASP A 376 12.89 -18.54 -21.98
N GLY A 377 12.53 -18.57 -20.70
CA GLY A 377 12.07 -19.78 -20.07
C GLY A 377 13.21 -20.68 -19.63
N PRO A 378 12.89 -21.76 -18.92
CA PRO A 378 13.94 -22.66 -18.43
C PRO A 378 14.78 -23.28 -19.52
N GLU A 379 14.20 -23.53 -20.69
CA GLU A 379 14.94 -24.13 -21.79
C GLU A 379 15.78 -23.12 -22.56
N GLY A 380 15.61 -21.82 -22.29
CA GLY A 380 16.33 -20.79 -23.00
C GLY A 380 17.71 -20.52 -22.41
N GLN A 381 18.32 -19.45 -22.88
CA GLN A 381 19.64 -19.06 -22.42
C GLN A 381 19.59 -18.63 -20.96
N ALA A 382 20.69 -18.86 -20.25
CA ALA A 382 20.83 -18.48 -18.85
C ALA A 382 21.89 -17.38 -18.72
N TYR A 383 21.54 -16.30 -18.04
CA TYR A 383 22.42 -15.17 -17.84
C TYR A 383 22.75 -15.03 -16.37
N ASP A 384 24.02 -14.82 -16.06
CA ASP A 384 24.50 -14.71 -14.68
C ASP A 384 24.84 -13.25 -14.41
N VAL A 385 23.90 -12.52 -13.82
CA VAL A 385 24.10 -11.12 -13.49
C VAL A 385 24.74 -11.02 -12.12
N ASP A 386 25.57 -9.99 -11.93
CA ASP A 386 26.36 -9.81 -10.72
C ASP A 386 26.04 -8.45 -10.12
N PHE A 387 25.42 -8.45 -8.94
CA PHE A 387 25.05 -7.20 -8.26
C PHE A 387 26.12 -6.75 -7.27
N THR A 388 27.36 -6.66 -7.73
CA THR A 388 28.42 -6.11 -6.90
C THR A 388 28.17 -4.61 -6.74
N PRO A 389 28.30 -4.06 -5.53
CA PRO A 389 27.83 -2.69 -5.27
C PRO A 389 28.41 -1.65 -6.22
N PRO A 390 29.68 -1.76 -6.65
CA PRO A 390 30.16 -0.81 -7.67
C PRO A 390 29.56 -1.06 -9.05
N PHE A 391 28.34 -0.58 -9.27
CA PHE A 391 27.69 -0.72 -10.57
C PHE A 391 28.43 0.07 -11.62
N ARG A 392 28.29 -0.36 -12.87
CA ARG A 392 28.91 0.34 -13.99
C ARG A 392 28.09 1.58 -14.36
N ARG A 393 28.79 2.66 -14.69
CA ARG A 393 28.18 3.91 -15.08
C ARG A 393 28.69 4.32 -16.45
N ILE A 394 27.77 4.67 -17.35
CA ILE A 394 28.13 5.12 -18.69
C ILE A 394 27.24 6.29 -19.08
N ASN A 395 27.82 7.27 -19.77
CA ASN A 395 27.08 8.39 -20.30
C ASN A 395 26.51 8.02 -21.68
N MET A 396 25.30 8.49 -21.96
CA MET A 396 24.67 8.18 -23.23
C MET A 396 25.48 8.70 -24.41
N VAL A 397 25.88 9.97 -24.37
CA VAL A 397 26.50 10.58 -25.55
C VAL A 397 27.83 9.92 -25.85
N GLU A 398 28.69 9.77 -24.83
CA GLU A 398 30.03 9.25 -25.06
C GLU A 398 29.99 7.77 -25.45
N GLU A 399 29.18 6.97 -24.75
CA GLU A 399 29.10 5.55 -25.09
C GLU A 399 28.44 5.34 -26.44
N LEU A 400 27.48 6.19 -26.80
CA LEU A 400 26.88 6.10 -28.13
C LEU A 400 27.89 6.47 -29.20
N GLU A 401 28.74 7.45 -28.94
CA GLU A 401 29.83 7.77 -29.86
C GLU A 401 30.76 6.57 -30.03
N LYS A 402 31.13 5.93 -28.91
CA LYS A 402 32.01 4.77 -28.98
C LYS A 402 31.38 3.59 -29.69
N ALA A 403 30.08 3.34 -29.51
CA ALA A 403 29.39 2.23 -30.13
C ALA A 403 29.14 2.46 -31.62
N LEU A 404 28.65 3.63 -31.99
CA LEU A 404 28.36 3.94 -33.38
C LEU A 404 29.65 4.28 -34.13
N GLY A 405 30.70 4.61 -33.40
CA GLY A 405 31.96 5.02 -34.02
C GLY A 405 32.05 6.48 -34.38
N MET A 406 30.96 6.90 -35.14
CA MET A 406 30.87 8.31 -35.62
C MET A 406 30.41 9.22 -34.48
N LYS A 407 30.81 10.53 -34.57
CA LYS A 407 30.30 11.50 -33.60
C LYS A 407 29.01 12.14 -34.12
N LEU A 408 28.12 12.46 -33.19
CA LEU A 408 26.83 13.07 -33.47
C LEU A 408 26.93 14.56 -33.19
N PRO A 409 26.02 15.36 -33.76
CA PRO A 409 26.06 16.80 -33.51
C PRO A 409 25.94 17.14 -32.03
N GLU A 410 26.30 18.38 -31.71
CA GLU A 410 26.33 18.81 -30.31
C GLU A 410 24.93 18.81 -29.72
N THR A 411 24.85 18.62 -28.41
CA THR A 411 23.55 18.50 -27.72
C THR A 411 22.71 19.74 -27.93
N ASN A 412 23.31 20.93 -27.90
CA ASN A 412 22.51 22.18 -28.00
C ASN A 412 21.61 22.12 -29.24
N LEU A 413 22.07 21.48 -30.31
CA LEU A 413 21.29 21.44 -31.58
C LEU A 413 20.38 20.20 -31.63
N PHE A 414 19.94 19.71 -30.48
CA PHE A 414 19.10 18.47 -30.45
C PHE A 414 17.72 18.79 -31.03
N GLU A 415 17.21 19.99 -30.77
CA GLU A 415 15.89 20.38 -31.24
C GLU A 415 15.85 20.71 -32.72
N THR A 416 17.02 20.99 -33.33
CA THR A 416 17.08 21.34 -34.73
C THR A 416 16.72 20.15 -35.61
N GLU A 417 16.16 20.44 -36.78
CA GLU A 417 15.70 19.42 -37.70
C GLU A 417 16.84 18.68 -38.41
N GLU A 418 17.97 19.35 -38.66
CA GLU A 418 19.09 18.68 -39.32
C GLU A 418 19.67 17.60 -38.43
N THR A 419 19.66 17.81 -37.11
CA THR A 419 20.07 16.76 -36.18
C THR A 419 19.13 15.56 -36.27
N ARG A 420 17.83 15.84 -36.31
CA ARG A 420 16.81 14.82 -36.44
C ARG A 420 17.04 13.99 -37.70
N LYS A 421 17.32 14.66 -38.82
CA LYS A 421 17.53 13.99 -40.08
C LYS A 421 18.85 13.23 -40.16
N ILE A 422 19.94 13.75 -39.59
CA ILE A 422 21.19 12.99 -39.60
C ILE A 422 21.05 11.75 -38.72
N LEU A 423 20.30 11.86 -37.61
CA LEU A 423 20.00 10.68 -36.80
C LEU A 423 19.14 9.68 -37.57
N ASP A 424 18.14 10.17 -38.29
CA ASP A 424 17.27 9.29 -39.06
C ASP A 424 18.04 8.55 -40.15
N ASP A 425 18.91 9.26 -40.85
CA ASP A 425 19.68 8.64 -41.93
C ASP A 425 20.58 7.54 -41.38
N ILE A 426 21.25 7.79 -40.25
CA ILE A 426 22.16 6.79 -39.70
C ILE A 426 21.39 5.62 -39.11
N CYS A 427 20.20 5.86 -38.53
CA CYS A 427 19.45 4.72 -38.00
C CYS A 427 18.89 3.86 -39.12
N VAL A 428 18.47 4.48 -40.23
CA VAL A 428 18.09 3.71 -41.40
C VAL A 428 19.29 2.93 -41.93
N ALA A 429 20.47 3.55 -41.90
CA ALA A 429 21.68 2.82 -42.26
C ALA A 429 21.94 1.63 -41.34
N LYS A 430 21.51 1.72 -40.08
CA LYS A 430 21.61 0.61 -39.15
C LYS A 430 20.32 -0.20 -39.07
N ALA A 431 19.33 0.12 -39.90
CA ALA A 431 18.07 -0.63 -39.97
C ALA A 431 17.37 -0.70 -38.62
N VAL A 432 17.37 0.41 -37.88
CA VAL A 432 16.66 0.50 -36.61
C VAL A 432 15.26 1.04 -36.86
N GLU A 433 14.27 0.15 -36.88
CA GLU A 433 12.89 0.54 -37.15
C GLU A 433 12.37 1.43 -36.03
N CYS A 434 11.66 2.47 -36.42
CA CYS A 434 11.09 3.45 -35.51
C CYS A 434 9.60 3.62 -35.78
N PRO A 435 8.84 4.13 -34.80
CA PRO A 435 7.42 4.41 -35.02
C PRO A 435 7.23 5.43 -36.14
N PRO A 436 6.03 5.55 -36.68
CA PRO A 436 5.79 6.50 -37.78
C PRO A 436 6.19 7.92 -37.42
N PRO A 437 6.00 8.38 -36.16
CA PRO A 437 6.62 9.65 -35.77
C PRO A 437 8.14 9.54 -35.79
N ARG A 438 8.77 10.25 -36.72
CA ARG A 438 10.21 10.20 -36.91
C ARG A 438 10.92 11.36 -36.20
N THR A 439 10.40 11.78 -35.07
CA THR A 439 11.04 12.87 -34.30
C THR A 439 12.35 12.36 -33.72
N THR A 440 13.28 13.25 -33.45
CA THR A 440 14.61 12.86 -32.98
C THR A 440 14.55 12.06 -31.69
N ALA A 441 13.51 12.28 -30.88
CA ALA A 441 13.35 11.53 -29.65
C ALA A 441 13.20 10.02 -29.92
N ARG A 442 12.27 9.68 -30.82
CA ARG A 442 12.06 8.26 -31.15
C ARG A 442 13.33 7.64 -31.71
N LEU A 443 13.99 8.35 -32.64
CA LEU A 443 15.19 7.81 -33.26
C LEU A 443 16.29 7.56 -32.21
N LEU A 444 16.49 8.54 -31.32
CA LEU A 444 17.63 8.42 -30.41
C LEU A 444 17.34 7.36 -29.35
N ASP A 445 16.09 7.27 -28.88
CA ASP A 445 15.78 6.24 -27.89
C ASP A 445 15.87 4.85 -28.51
N LYS A 446 15.47 4.72 -29.78
CA LYS A 446 15.64 3.45 -30.46
C LYS A 446 17.12 3.10 -30.61
N LEU A 447 17.95 4.11 -30.93
CA LEU A 447 19.39 3.87 -31.02
C LEU A 447 19.95 3.40 -29.69
N VAL A 448 19.53 4.04 -28.60
CA VAL A 448 20.00 3.64 -27.28
C VAL A 448 19.59 2.20 -26.99
N GLY A 449 18.30 1.90 -27.19
CA GLY A 449 17.81 0.56 -26.90
C GLY A 449 18.46 -0.51 -27.75
N GLU A 450 18.85 -0.18 -28.97
CA GLU A 450 19.42 -1.18 -29.87
C GLU A 450 20.93 -1.31 -29.78
N PHE A 451 21.64 -0.29 -29.28
CA PHE A 451 23.09 -0.40 -29.15
C PHE A 451 23.62 -0.10 -27.75
N LEU A 452 22.76 0.15 -26.77
CA LEU A 452 23.23 0.33 -25.40
C LEU A 452 22.64 -0.68 -24.42
N GLU A 453 21.32 -0.86 -24.40
CA GLU A 453 20.71 -1.85 -23.52
C GLU A 453 21.10 -3.28 -23.88
N VAL A 454 21.57 -3.52 -25.10
CA VAL A 454 21.95 -4.87 -25.49
C VAL A 454 23.08 -5.38 -24.61
N THR A 455 24.02 -4.50 -24.25
CA THR A 455 25.15 -4.85 -23.42
C THR A 455 24.89 -4.66 -21.93
N CYS A 456 23.69 -4.24 -21.54
CA CYS A 456 23.38 -3.97 -20.13
C CYS A 456 22.81 -5.20 -19.45
N ILE A 457 23.63 -6.25 -19.39
CA ILE A 457 23.24 -7.46 -18.68
C ILE A 457 23.37 -7.27 -17.17
N ASN A 458 24.59 -7.00 -16.71
CA ASN A 458 24.79 -6.59 -15.34
C ASN A 458 24.18 -5.20 -15.14
N PRO A 459 23.79 -4.86 -13.91
CA PRO A 459 23.20 -3.54 -13.67
C PRO A 459 24.12 -2.42 -14.13
N THR A 460 23.55 -1.47 -14.88
CA THR A 460 24.32 -0.39 -15.48
C THR A 460 23.54 0.91 -15.29
N PHE A 461 24.29 2.01 -15.16
CA PHE A 461 23.74 3.33 -14.89
C PHE A 461 23.92 4.19 -16.14
N ILE A 462 22.85 4.36 -16.92
CA ILE A 462 22.88 5.36 -17.98
C ILE A 462 22.75 6.73 -17.33
N CYS A 463 23.72 7.60 -17.62
CA CYS A 463 24.03 8.72 -16.74
C CYS A 463 23.43 10.05 -17.13
N ASP A 464 23.15 10.31 -18.41
CA ASP A 464 22.64 11.61 -18.83
C ASP A 464 21.82 11.42 -20.10
N HIS A 465 20.57 11.92 -20.08
CA HIS A 465 19.76 11.76 -21.28
C HIS A 465 19.46 13.13 -21.89
N PRO A 466 19.21 13.21 -23.20
CA PRO A 466 18.81 14.48 -23.80
C PRO A 466 17.47 14.96 -23.26
N GLN A 467 17.26 16.27 -23.34
CA GLN A 467 16.02 16.87 -22.84
C GLN A 467 14.81 16.45 -23.65
N ILE A 468 15.03 15.88 -24.85
CA ILE A 468 13.93 15.70 -25.79
C ILE A 468 13.01 14.55 -25.38
N MET A 469 13.50 13.61 -24.56
CA MET A 469 12.62 12.59 -23.97
C MET A 469 12.19 12.94 -22.56
N SER A 470 12.76 13.99 -21.99
CA SER A 470 12.63 14.16 -20.54
C SER A 470 12.09 15.53 -20.16
N PRO A 471 10.79 15.66 -19.90
CA PRO A 471 10.29 16.89 -19.30
C PRO A 471 10.33 16.80 -17.79
N LEU A 472 10.05 17.92 -17.10
CA LEU A 472 9.97 17.95 -15.63
C LEU A 472 11.29 17.56 -14.98
N ALA A 473 12.40 17.66 -15.71
CA ALA A 473 13.72 17.37 -15.18
C ALA A 473 14.62 18.56 -15.44
N LYS A 474 15.44 18.90 -14.44
CA LYS A 474 16.30 20.08 -14.55
C LYS A 474 17.33 19.90 -15.65
N TRP A 475 17.72 21.02 -16.25
CA TRP A 475 18.75 21.01 -17.27
C TRP A 475 20.09 20.62 -16.66
N HIS A 476 21.05 20.29 -17.52
CA HIS A 476 22.35 19.83 -17.05
C HIS A 476 23.09 20.95 -16.34
N ARG A 477 23.84 20.57 -15.30
CA ARG A 477 24.59 21.55 -14.53
C ARG A 477 25.65 22.24 -15.39
N SER A 478 26.37 21.48 -16.20
CA SER A 478 27.39 22.02 -17.08
C SER A 478 27.03 21.90 -18.55
N LYS A 479 26.52 20.75 -18.99
CA LYS A 479 26.10 20.58 -20.37
C LYS A 479 24.80 21.35 -20.62
N GLU A 480 24.37 21.36 -21.88
CA GLU A 480 23.15 22.04 -22.27
C GLU A 480 22.32 21.11 -23.15
N GLY A 481 21.00 21.21 -23.01
CA GLY A 481 20.09 20.34 -23.73
C GLY A 481 20.01 18.93 -23.21
N LEU A 482 20.72 18.61 -22.14
CA LEU A 482 20.72 17.28 -21.54
C LEU A 482 20.06 17.36 -20.17
N THR A 483 19.11 16.47 -19.93
CA THR A 483 18.44 16.45 -18.64
C THR A 483 19.33 15.81 -17.58
N GLU A 484 18.98 16.05 -16.33
CA GLU A 484 19.70 15.46 -15.19
C GLU A 484 18.92 14.22 -14.75
N ARG A 485 19.28 13.09 -15.35
CA ARG A 485 18.61 11.84 -15.06
C ARG A 485 19.58 10.67 -15.21
N PHE A 486 19.29 9.59 -14.51
CA PHE A 486 19.97 8.33 -14.73
C PHE A 486 18.93 7.21 -14.74
N GLU A 487 19.31 6.11 -15.37
CA GLU A 487 18.46 4.92 -15.42
C GLU A 487 19.28 3.68 -15.10
N LEU A 488 18.68 2.77 -14.34
CA LEU A 488 19.31 1.51 -13.97
C LEU A 488 18.79 0.40 -14.86
N PHE A 489 19.69 -0.26 -15.57
CA PHE A 489 19.34 -1.31 -16.51
C PHE A 489 19.92 -2.63 -16.04
N VAL A 490 19.05 -3.61 -15.80
CA VAL A 490 19.42 -4.97 -15.46
C VAL A 490 18.77 -5.88 -16.49
N MET A 491 19.57 -6.82 -17.02
CA MET A 491 19.07 -7.80 -17.99
C MET A 491 18.40 -7.11 -19.18
N LYS A 492 19.03 -6.04 -19.65
CA LYS A 492 18.54 -5.26 -20.79
C LYS A 492 17.16 -4.67 -20.54
N LYS A 493 16.83 -4.37 -19.29
CA LYS A 493 15.54 -3.79 -18.95
C LYS A 493 15.72 -2.75 -17.85
N GLU A 494 15.02 -1.63 -17.99
CA GLU A 494 15.09 -0.58 -16.99
C GLU A 494 14.25 -0.96 -15.78
N ILE A 495 14.82 -0.84 -14.58
CA ILE A 495 14.09 -1.10 -13.35
C ILE A 495 13.88 0.17 -12.54
N CYS A 496 14.91 1.01 -12.44
CA CYS A 496 14.87 2.24 -11.68
C CYS A 496 15.20 3.42 -12.58
N ASN A 497 14.60 4.57 -12.28
CA ASN A 497 14.95 5.83 -12.90
C ASN A 497 14.94 6.92 -11.85
N ALA A 498 15.64 8.01 -12.12
CA ALA A 498 15.67 9.12 -11.19
C ALA A 498 15.94 10.40 -11.95
N TYR A 499 15.51 11.52 -11.36
CA TYR A 499 15.56 12.81 -12.00
C TYR A 499 15.97 13.84 -10.97
N THR A 500 16.61 14.90 -11.46
CA THR A 500 16.73 16.13 -10.69
C THR A 500 15.55 17.03 -11.02
N GLU A 501 14.86 17.51 -9.99
CA GLU A 501 13.59 18.18 -10.17
C GLU A 501 13.75 19.53 -10.86
N LEU A 502 12.67 19.96 -11.48
CA LEU A 502 12.55 21.28 -12.10
C LEU A 502 11.66 22.12 -11.19
N ASN A 503 12.28 22.93 -10.33
CA ASN A 503 11.54 23.74 -9.37
C ASN A 503 11.22 25.13 -9.87
N ASP A 504 11.54 25.44 -11.12
CA ASP A 504 11.23 26.74 -11.69
C ASP A 504 9.78 26.78 -12.12
N PRO A 505 8.94 27.60 -11.48
CA PRO A 505 7.51 27.63 -11.87
C PRO A 505 7.28 28.05 -13.31
N MET A 506 8.10 28.97 -13.84
CA MET A 506 7.89 29.42 -15.21
C MET A 506 8.20 28.32 -16.22
N ARG A 507 9.35 27.65 -16.06
CA ARG A 507 9.70 26.57 -16.96
C ARG A 507 8.72 25.41 -16.83
N GLN A 508 8.30 25.10 -15.60
CA GLN A 508 7.33 24.04 -15.39
C GLN A 508 6.01 24.35 -16.08
N ARG A 509 5.53 25.60 -15.93
CA ARG A 509 4.29 25.99 -16.58
C ARG A 509 4.42 25.94 -18.10
N GLN A 510 5.56 26.38 -18.63
CA GLN A 510 5.77 26.35 -20.07
C GLN A 510 5.76 24.92 -20.60
N LEU A 511 6.45 24.02 -19.89
CA LEU A 511 6.48 22.59 -20.30
C LEU A 511 5.06 22.01 -20.24
N PHE A 512 4.35 22.28 -19.13
CA PHE A 512 2.97 21.74 -18.98
C PHE A 512 2.12 22.19 -20.15
N GLU A 513 2.14 23.50 -20.43
CA GLU A 513 1.35 24.06 -21.56
C GLU A 513 1.74 23.31 -22.85
N GLU A 514 3.04 23.23 -23.14
CA GLU A 514 3.48 22.59 -24.38
C GLU A 514 2.98 21.16 -24.48
N GLN A 515 3.12 20.40 -23.39
CA GLN A 515 2.75 18.99 -23.41
C GLN A 515 1.23 18.83 -23.49
N ALA A 516 0.49 19.74 -22.83
CA ALA A 516 -0.96 19.74 -22.92
C ALA A 516 -1.43 20.05 -24.34
N LYS A 517 -0.77 21.02 -24.97
CA LYS A 517 -1.09 21.35 -26.39
C LYS A 517 -0.77 20.12 -27.23
N ALA A 518 0.38 19.49 -26.99
CA ALA A 518 0.78 18.29 -27.75
C ALA A 518 -0.23 17.16 -27.50
N LYS A 519 -0.63 16.94 -26.26
CA LYS A 519 -1.61 15.88 -25.94
C LYS A 519 -2.93 16.19 -26.66
N ALA A 520 -3.38 17.46 -26.60
CA ALA A 520 -4.62 17.85 -27.31
C ALA A 520 -4.43 17.64 -28.82
N ALA A 521 -3.22 17.93 -29.33
CA ALA A 521 -2.93 17.76 -30.77
C ALA A 521 -3.98 18.47 -31.61
N GLY A 522 -4.22 19.75 -31.34
CA GLY A 522 -5.18 20.54 -32.15
C GLY A 522 -6.57 20.56 -31.52
N ASP A 523 -6.70 20.09 -30.28
CA ASP A 523 -8.01 20.13 -29.57
C ASP A 523 -8.17 21.48 -28.87
N ASP A 524 -9.21 21.62 -28.04
CA ASP A 524 -9.47 22.89 -27.32
C ASP A 524 -8.34 23.15 -26.31
N GLU A 525 -7.58 22.11 -25.95
CA GLU A 525 -6.49 22.25 -24.95
C GLU A 525 -7.10 22.80 -23.65
N ALA A 526 -6.47 23.83 -23.07
CA ALA A 526 -6.97 24.44 -21.80
C ALA A 526 -7.24 23.33 -20.78
N MET A 527 -6.36 22.32 -20.73
CA MET A 527 -6.55 21.18 -19.80
C MET A 527 -5.22 20.41 -19.72
N PHE A 528 -5.25 19.18 -19.19
CA PHE A 528 -4.02 18.33 -19.15
C PHE A 528 -2.95 19.04 -18.33
N ILE A 529 -3.36 19.86 -17.36
CA ILE A 529 -2.40 20.61 -16.51
C ILE A 529 -2.93 20.61 -15.06
N ASP A 530 -2.09 21.00 -14.10
CA ASP A 530 -2.54 21.08 -12.68
C ASP A 530 -2.22 22.48 -12.13
N GLU A 531 -3.15 23.42 -12.29
CA GLU A 531 -2.93 24.75 -11.74
C GLU A 531 -2.68 24.76 -10.25
N ASN A 532 -3.04 23.69 -9.54
CA ASN A 532 -2.67 23.58 -8.13
C ASN A 532 -1.17 23.34 -7.99
N PHE A 533 -0.60 22.47 -8.83
CA PHE A 533 0.83 22.24 -8.84
C PHE A 533 1.63 23.47 -9.27
N CYS A 534 1.19 24.18 -10.30
CA CYS A 534 1.87 25.39 -10.73
C CYS A 534 1.74 26.52 -9.73
N THR A 535 0.75 26.46 -8.84
CA THR A 535 0.65 27.39 -7.73
C THR A 535 1.49 26.97 -6.53
N ALA A 536 1.69 25.66 -6.34
CA ALA A 536 2.57 25.18 -5.27
C ALA A 536 4.02 25.53 -5.56
N LEU A 537 4.45 25.36 -6.81
CA LEU A 537 5.83 25.67 -7.16
C LEU A 537 6.14 27.14 -6.99
N GLU A 538 5.14 28.00 -7.16
CA GLU A 538 5.35 29.43 -6.96
C GLU A 538 5.61 29.79 -5.51
N TYR A 539 5.35 28.89 -4.58
CA TYR A 539 5.66 29.10 -3.17
C TYR A 539 7.07 28.66 -2.80
N GLY A 540 7.81 28.06 -3.74
CA GLY A 540 9.18 27.68 -3.49
C GLY A 540 9.36 26.21 -3.21
N LEU A 541 9.83 25.46 -4.22
CA LEU A 541 10.18 24.07 -4.04
C LEU A 541 11.68 23.97 -3.90
N PRO A 542 12.21 23.38 -2.82
CA PRO A 542 13.65 23.31 -2.66
C PRO A 542 14.25 22.42 -3.73
N PRO A 543 15.51 22.65 -4.09
CA PRO A 543 16.15 21.77 -5.09
C PRO A 543 16.15 20.33 -4.61
N THR A 544 15.39 19.47 -5.28
CA THR A 544 15.15 18.13 -4.80
C THR A 544 15.38 17.13 -5.94
N ALA A 545 15.36 15.85 -5.59
CA ALA A 545 15.56 14.78 -6.56
C ALA A 545 14.52 13.70 -6.31
N GLY A 546 14.04 13.12 -7.41
CA GLY A 546 13.03 12.09 -7.35
C GLY A 546 13.53 10.77 -7.92
N TRP A 547 13.00 9.67 -7.40
CA TRP A 547 13.44 8.34 -7.77
C TRP A 547 12.23 7.43 -7.84
N GLY A 548 12.18 6.59 -8.85
CA GLY A 548 11.07 5.66 -9.01
C GLY A 548 11.59 4.33 -9.53
N MET A 549 10.84 3.27 -9.23
CA MET A 549 11.26 1.95 -9.65
C MET A 549 10.05 1.03 -9.76
N GLY A 550 10.11 0.11 -10.72
CA GLY A 550 9.04 -0.86 -10.90
C GLY A 550 9.22 -2.07 -10.01
N ILE A 551 8.27 -2.28 -9.09
CA ILE A 551 8.35 -3.42 -8.19
C ILE A 551 8.17 -4.73 -8.95
N ASP A 552 7.24 -4.77 -9.89
CA ASP A 552 6.93 -6.02 -10.58
C ASP A 552 8.10 -6.52 -11.40
N ARG A 553 8.81 -5.62 -12.08
CA ARG A 553 9.97 -6.03 -12.86
C ARG A 553 11.08 -6.57 -11.96
N VAL A 554 11.29 -5.93 -10.81
CA VAL A 554 12.30 -6.42 -9.86
C VAL A 554 11.93 -7.80 -9.36
N ALA A 555 10.66 -8.01 -9.02
CA ALA A 555 10.21 -9.33 -8.59
C ALA A 555 10.36 -10.36 -9.70
N MET A 556 10.10 -9.97 -10.94
CA MET A 556 10.31 -10.86 -12.07
C MET A 556 11.78 -11.26 -12.19
N PHE A 557 12.68 -10.30 -12.03
CA PHE A 557 14.11 -10.58 -12.15
C PHE A 557 14.66 -11.37 -10.97
N LEU A 558 14.04 -11.28 -9.80
CA LEU A 558 14.53 -12.01 -8.64
C LEU A 558 13.90 -13.38 -8.46
N THR A 559 12.72 -13.62 -9.03
CA THR A 559 12.07 -14.92 -8.97
C THR A 559 12.25 -15.73 -10.25
N ASP A 560 13.09 -15.26 -11.18
CA ASP A 560 13.34 -15.94 -12.44
C ASP A 560 12.06 -16.16 -13.23
N SER A 561 11.19 -15.15 -13.25
CA SER A 561 9.95 -15.17 -14.01
C SER A 561 10.04 -14.19 -15.16
N ASN A 562 9.74 -14.66 -16.37
CA ASN A 562 9.73 -13.83 -17.56
C ASN A 562 8.34 -13.30 -17.90
N ASN A 563 7.34 -13.60 -17.09
CA ASN A 563 5.97 -13.18 -17.32
C ASN A 563 5.46 -12.42 -16.10
N ILE A 564 4.86 -11.25 -16.33
CA ILE A 564 4.36 -10.46 -15.21
C ILE A 564 3.23 -11.15 -14.46
N LYS A 565 2.51 -12.05 -15.12
CA LYS A 565 1.43 -12.77 -14.46
C LYS A 565 1.95 -13.74 -13.40
N GLU A 566 3.23 -14.12 -13.48
CA GLU A 566 3.77 -15.06 -12.51
C GLU A 566 4.02 -14.42 -11.16
N VAL A 567 4.26 -13.10 -11.14
CA VAL A 567 4.50 -12.38 -9.90
C VAL A 567 3.26 -11.66 -9.40
N LEU A 568 2.13 -11.82 -10.08
CA LEU A 568 0.86 -11.22 -9.66
C LEU A 568 -0.05 -12.31 -9.12
N LEU A 569 -0.68 -12.04 -7.99
CA LEU A 569 -1.59 -13.02 -7.39
C LEU A 569 -2.77 -13.30 -8.29
N PHE A 570 -3.44 -12.24 -8.77
CA PHE A 570 -4.62 -12.36 -9.63
C PHE A 570 -4.44 -11.46 -10.83
N PRO A 571 -3.68 -11.91 -11.83
CA PRO A 571 -3.48 -11.07 -13.03
C PRO A 571 -4.79 -10.87 -13.78
N ALA A 572 -4.90 -9.72 -14.44
CA ALA A 572 -6.06 -9.42 -15.26
C ALA A 572 -5.96 -10.22 -16.55
N MET A 573 -6.99 -11.01 -16.85
CA MET A 573 -7.02 -11.85 -18.02
C MET A 573 -8.25 -11.54 -18.86
N LYS A 574 -8.15 -11.85 -20.15
CA LYS A 574 -9.27 -11.60 -21.06
C LYS A 574 -10.47 -12.45 -20.65
N PRO A 575 -11.67 -11.91 -20.69
CA PRO A 575 -12.85 -12.70 -20.34
C PRO A 575 -13.05 -13.86 -21.31
N GLU A 576 -13.61 -14.94 -20.78
CA GLU A 576 -13.82 -16.15 -21.58
C GLU A 576 -14.95 -15.92 -22.58
N ASP A 577 -15.26 -16.97 -23.34
CA ASP A 577 -16.29 -16.93 -24.37
C ASP A 577 -16.03 -15.83 -25.39
N ASP B 72 -3.29 43.59 -3.06
CA ASP B 72 -1.88 43.60 -2.69
C ASP B 72 -1.17 42.27 -2.95
N PRO B 73 -1.77 41.12 -2.58
CA PRO B 73 -1.10 39.85 -2.89
C PRO B 73 -0.82 39.67 -4.37
N ASN B 74 -1.74 40.08 -5.24
CA ASN B 74 -1.46 40.06 -6.67
C ASN B 74 -0.35 41.03 -7.03
N GLN B 75 -0.36 42.23 -6.44
CA GLN B 75 0.70 43.20 -6.67
C GLN B 75 2.04 42.66 -6.17
N TYR B 76 2.04 42.02 -5.00
CA TYR B 76 3.28 41.43 -4.48
C TYR B 76 3.78 40.34 -5.40
N TYR B 77 2.88 39.48 -5.90
CA TYR B 77 3.29 38.43 -6.81
C TYR B 77 3.88 39.01 -8.08
N LYS B 78 3.24 40.05 -8.63
CA LYS B 78 3.77 40.69 -9.83
C LYS B 78 5.16 41.27 -9.59
N ILE B 79 5.34 41.97 -8.48
CA ILE B 79 6.62 42.60 -8.18
C ILE B 79 7.70 41.54 -7.98
N ARG B 80 7.39 40.48 -7.22
CA ARG B 80 8.38 39.44 -6.96
C ARG B 80 8.74 38.68 -8.22
N SER B 81 7.74 38.40 -9.08
CA SER B 81 8.03 37.72 -10.34
C SER B 81 8.90 38.59 -11.24
N GLN B 82 8.62 39.90 -11.28
CA GLN B 82 9.47 40.80 -12.07
C GLN B 82 10.89 40.82 -11.53
N ALA B 83 11.03 40.86 -10.20
CA ALA B 83 12.37 40.86 -9.61
C ALA B 83 13.12 39.57 -9.92
N ILE B 84 12.42 38.43 -9.84
CA ILE B 84 13.05 37.15 -10.13
C ILE B 84 13.46 37.06 -11.60
N HIS B 85 12.60 37.55 -12.49
CA HIS B 85 12.96 37.56 -13.91
C HIS B 85 14.18 38.45 -14.16
N GLN B 86 14.22 39.62 -13.52
CA GLN B 86 15.38 40.49 -13.67
C GLN B 86 16.64 39.83 -13.14
N LEU B 87 16.52 39.10 -12.02
CA LEU B 87 17.65 38.34 -11.51
C LEU B 87 18.10 37.30 -12.52
N LYS B 88 17.16 36.58 -13.12
CA LYS B 88 17.50 35.55 -14.09
C LYS B 88 18.13 36.13 -15.34
N VAL B 89 17.81 37.37 -15.69
CA VAL B 89 18.34 37.98 -16.91
C VAL B 89 19.86 38.11 -16.81
N ASN B 90 20.35 38.69 -15.71
CA ASN B 90 21.78 38.94 -15.54
C ASN B 90 22.41 37.83 -14.70
N GLY B 91 22.43 36.63 -15.28
CA GLY B 91 22.98 35.48 -14.58
C GLY B 91 22.22 35.22 -13.30
N GLU B 92 22.96 35.06 -12.20
CA GLU B 92 22.41 34.98 -10.84
C GLU B 92 21.18 34.09 -10.78
N ASP B 93 21.38 32.83 -11.10
CA ASP B 93 20.28 31.87 -11.13
C ASP B 93 19.70 31.70 -9.73
N PRO B 94 18.40 31.99 -9.52
CA PRO B 94 17.79 31.75 -8.21
C PRO B 94 17.39 30.31 -7.98
N TYR B 95 17.68 29.41 -8.91
CA TYR B 95 17.37 27.99 -8.78
C TYR B 95 18.62 27.17 -9.06
N PRO B 96 19.57 27.16 -8.12
CA PRO B 96 20.77 26.36 -8.32
C PRO B 96 20.46 24.87 -8.33
N HIS B 97 21.26 24.13 -9.09
CA HIS B 97 21.00 22.70 -9.26
C HIS B 97 21.27 21.92 -7.98
N LYS B 98 22.37 22.22 -7.30
CA LYS B 98 22.79 21.43 -6.15
C LYS B 98 23.26 22.34 -5.03
N PHE B 99 22.85 22.02 -3.81
CA PHE B 99 23.38 22.64 -2.59
C PHE B 99 23.62 21.53 -1.59
N HIS B 100 24.91 21.27 -1.32
CA HIS B 100 25.29 20.17 -0.40
C HIS B 100 24.98 20.55 1.05
N VAL B 101 23.90 20.02 1.59
CA VAL B 101 23.57 20.25 3.00
C VAL B 101 24.43 19.30 3.84
N ASP B 102 25.35 19.87 4.60
CA ASP B 102 26.26 19.05 5.39
C ASP B 102 25.58 18.42 6.60
N ILE B 103 24.75 19.19 7.31
CA ILE B 103 24.10 18.72 8.52
C ILE B 103 22.66 19.21 8.53
N SER B 104 21.74 18.33 8.90
CA SER B 104 20.34 18.71 9.01
C SER B 104 20.12 19.63 10.20
N LEU B 105 19.00 20.36 10.19
CA LEU B 105 18.72 21.30 11.27
C LEU B 105 18.54 20.58 12.59
N THR B 106 17.84 19.45 12.60
CA THR B 106 17.65 18.72 13.85
C THR B 106 18.97 18.28 14.46
N ASP B 107 19.87 17.76 13.63
CA ASP B 107 21.20 17.40 14.11
C ASP B 107 21.98 18.63 14.54
N PHE B 108 21.74 19.78 13.89
CA PHE B 108 22.41 21.01 14.28
C PHE B 108 22.03 21.42 15.70
N ILE B 109 20.73 21.41 16.00
CA ILE B 109 20.29 21.72 17.36
C ILE B 109 20.77 20.66 18.34
N GLN B 110 20.69 19.39 17.95
CA GLN B 110 21.08 18.31 18.87
C GLN B 110 22.55 18.39 19.25
N LYS B 111 23.42 18.70 18.28
CA LYS B 111 24.85 18.69 18.55
C LYS B 111 25.30 19.99 19.23
N TYR B 112 25.10 21.13 18.57
CA TYR B 112 25.63 22.40 19.05
C TYR B 112 24.65 23.10 19.99
N SER B 113 24.21 22.40 21.03
CA SER B 113 23.36 22.99 22.05
C SER B 113 24.08 23.20 23.38
N HIS B 114 25.26 22.60 23.56
CA HIS B 114 26.04 22.77 24.78
C HIS B 114 26.72 24.12 24.87
N LEU B 115 26.68 24.93 23.81
CA LEU B 115 27.40 26.19 23.79
C LEU B 115 26.83 27.15 24.84
N GLN B 116 27.71 27.97 25.40
CA GLN B 116 27.23 29.02 26.36
C GLN B 116 26.89 30.28 25.56
N PRO B 117 26.02 31.19 26.05
CA PRO B 117 25.73 32.42 25.34
C PRO B 117 27.01 33.21 25.05
N GLY B 118 27.17 33.67 23.81
CA GLY B 118 28.35 34.50 23.46
C GLY B 118 29.51 33.66 22.95
N ASP B 119 29.26 32.41 22.54
CA ASP B 119 30.33 31.54 21.97
C ASP B 119 30.28 31.62 20.44
N HIS B 120 31.45 31.50 19.78
CA HIS B 120 31.48 31.62 18.31
C HIS B 120 32.52 30.61 17.82
N LEU B 121 32.04 29.44 17.38
CA LEU B 121 32.92 28.38 16.89
C LEU B 121 33.39 28.73 15.49
N THR B 122 34.40 29.61 15.44
CA THR B 122 34.91 30.09 14.16
C THR B 122 35.65 29.01 13.37
N ASP B 123 36.02 27.91 14.02
CA ASP B 123 36.77 26.85 13.36
C ASP B 123 35.90 25.74 12.79
N ILE B 124 34.58 25.80 12.97
CA ILE B 124 33.64 24.88 12.35
C ILE B 124 32.82 25.64 11.32
N THR B 125 32.72 25.08 10.11
CA THR B 125 31.89 25.63 9.05
C THR B 125 30.93 24.55 8.58
N LEU B 126 29.64 24.85 8.63
CA LEU B 126 28.59 23.91 8.26
C LEU B 126 27.62 24.56 7.30
N LYS B 127 27.05 23.75 6.41
CA LYS B 127 26.08 24.20 5.41
C LYS B 127 24.74 23.58 5.72
N VAL B 128 23.79 24.40 6.15
CA VAL B 128 22.43 23.95 6.41
C VAL B 128 21.50 24.63 5.41
N ALA B 129 20.23 24.25 5.40
CA ALA B 129 19.26 24.86 4.51
C ALA B 129 17.89 24.86 5.17
N GLY B 130 17.05 25.80 4.76
CA GLY B 130 15.74 25.90 5.34
C GLY B 130 14.91 26.96 4.64
N ARG B 131 13.77 27.28 5.26
CA ARG B 131 12.88 28.31 4.76
C ARG B 131 12.84 29.48 5.73
N ILE B 132 12.84 30.69 5.19
CA ILE B 132 12.85 31.91 6.02
C ILE B 132 11.45 32.21 6.50
N HIS B 133 11.10 31.73 7.70
CA HIS B 133 9.78 32.01 8.26
C HIS B 133 9.63 33.51 8.55
N ALA B 134 10.66 34.14 9.11
CA ALA B 134 10.58 35.54 9.47
C ALA B 134 11.94 36.18 9.31
N LYS B 135 11.96 37.38 8.73
CA LYS B 135 13.18 38.15 8.52
C LYS B 135 12.98 39.53 9.14
N ARG B 136 13.88 39.76 10.18
CA ARG B 136 13.86 41.06 10.90
C ARG B 136 15.27 41.68 10.84
N ALA B 137 15.34 43.05 10.85
CA ALA B 137 16.64 43.70 10.83
C ALA B 137 16.78 44.63 12.01
N SER B 138 17.99 44.64 12.59
CA SER B 138 18.35 45.55 13.67
C SER B 138 19.63 46.28 13.25
N GLY B 139 19.46 47.37 12.55
CA GLY B 139 20.59 48.08 11.98
C GLY B 139 20.91 47.58 10.58
N GLY B 140 21.69 48.37 9.85
CA GLY B 140 22.03 48.02 8.48
C GLY B 140 23.06 46.92 8.34
N LYS B 141 23.70 46.53 9.45
CA LYS B 141 24.77 45.51 9.37
C LYS B 141 24.45 44.32 10.30
N LEU B 142 23.16 44.09 10.59
CA LEU B 142 22.79 43.00 11.48
C LEU B 142 21.32 42.69 11.21
N ILE B 143 21.04 41.46 10.77
CA ILE B 143 19.70 41.03 10.41
C ILE B 143 19.52 39.57 10.84
N PHE B 144 18.40 39.26 11.49
CA PHE B 144 18.11 37.92 11.97
C PHE B 144 17.04 37.29 11.09
N TYR B 145 17.37 36.18 10.45
CA TYR B 145 16.39 35.34 9.79
C TYR B 145 16.02 34.17 10.71
N ASP B 146 14.81 33.67 10.53
CA ASP B 146 14.31 32.52 11.29
C ASP B 146 14.19 31.34 10.34
N LEU B 147 15.22 30.51 10.30
CA LEU B 147 15.17 29.32 9.47
C LEU B 147 14.21 28.29 10.05
N ARG B 148 13.53 27.58 9.16
CA ARG B 148 12.64 26.49 9.54
C ARG B 148 12.95 25.29 8.68
N GLY B 149 12.99 24.11 9.31
CA GLY B 149 13.27 22.87 8.62
C GLY B 149 12.30 21.77 8.99
N GLU B 150 12.82 20.64 9.47
CA GLU B 150 11.99 19.49 9.80
C GLU B 150 11.38 19.68 11.20
N GLY B 151 10.50 20.67 11.30
CA GLY B 151 9.82 20.95 12.54
C GLY B 151 10.65 21.65 13.59
N VAL B 152 11.87 22.08 13.25
CA VAL B 152 12.74 22.77 14.19
C VAL B 152 13.06 24.14 13.62
N LYS B 153 13.40 25.07 14.52
CA LYS B 153 13.64 26.46 14.16
C LYS B 153 15.06 26.85 14.54
N LEU B 154 15.80 27.38 13.56
CA LEU B 154 17.11 27.95 13.79
C LEU B 154 16.99 29.47 13.79
N GLN B 155 18.12 30.16 13.86
CA GLN B 155 18.12 31.63 13.84
C GLN B 155 19.41 32.07 13.15
N VAL B 156 19.32 32.31 11.84
CA VAL B 156 20.48 32.77 11.07
C VAL B 156 20.70 34.23 11.39
N MET B 157 21.64 34.53 12.27
CA MET B 157 21.99 35.90 12.61
C MET B 157 23.14 36.34 11.70
N ALA B 158 22.82 37.20 10.73
CA ALA B 158 23.76 37.62 9.70
C ALA B 158 24.25 39.02 9.99
N ASN B 159 25.57 39.20 9.91
CA ASN B 159 26.20 40.47 10.22
C ASN B 159 27.26 40.75 9.16
N SER B 160 27.62 42.02 9.02
CA SER B 160 28.54 42.42 7.96
C SER B 160 29.97 42.00 8.26
N ARG B 161 30.38 42.06 9.54
CA ARG B 161 31.79 41.84 9.85
C ARG B 161 32.22 40.39 9.59
N ASN B 162 31.37 39.42 9.89
CA ASN B 162 31.71 38.02 9.62
C ASN B 162 31.17 37.51 8.29
N TYR B 163 30.55 38.35 7.48
CA TYR B 163 30.15 37.93 6.15
C TYR B 163 31.33 38.04 5.19
N LYS B 164 31.15 37.48 3.99
CA LYS B 164 32.21 37.50 2.99
C LYS B 164 32.59 38.93 2.60
N SER B 165 31.60 39.78 2.38
CA SER B 165 31.85 41.18 2.04
C SER B 165 30.60 41.99 2.35
N GLU B 166 30.81 43.28 2.63
CA GLU B 166 29.67 44.16 2.88
C GLU B 166 28.82 44.32 1.63
N GLU B 167 29.46 44.43 0.46
CA GLU B 167 28.70 44.53 -0.79
C GLU B 167 27.85 43.29 -1.00
N GLU B 168 28.43 42.10 -0.78
CA GLU B 168 27.65 40.88 -0.86
C GLU B 168 26.56 40.87 0.21
N PHE B 169 26.86 41.41 1.38
CA PHE B 169 25.88 41.42 2.47
C PHE B 169 24.63 42.19 2.08
N ILE B 170 24.79 43.42 1.59
CA ILE B 170 23.60 44.20 1.24
C ILE B 170 23.07 43.85 -0.13
N HIS B 171 23.82 43.09 -0.94
CA HIS B 171 23.26 42.57 -2.18
C HIS B 171 22.36 41.37 -1.91
N ILE B 172 22.66 40.59 -0.87
CA ILE B 172 21.83 39.45 -0.53
C ILE B 172 20.75 39.79 0.49
N ASN B 173 20.88 40.91 1.21
CA ASN B 173 19.84 41.28 2.16
C ASN B 173 18.62 41.88 1.47
N ASN B 174 18.80 42.60 0.37
CA ASN B 174 17.68 43.20 -0.33
C ASN B 174 16.97 42.24 -1.27
N LYS B 175 17.45 41.01 -1.39
CA LYS B 175 16.85 40.00 -2.25
C LYS B 175 16.04 38.96 -1.49
N LEU B 176 16.47 38.59 -0.29
CA LEU B 176 15.77 37.58 0.49
C LEU B 176 14.58 38.18 1.22
N ARG B 177 13.44 37.50 1.16
CA ARG B 177 12.24 37.91 1.89
C ARG B 177 11.68 36.72 2.65
N ARG B 178 10.48 36.87 3.20
CA ARG B 178 9.85 35.76 3.93
C ARG B 178 9.45 34.65 2.96
N GLY B 179 9.61 33.41 3.41
CA GLY B 179 9.19 32.26 2.66
C GLY B 179 10.23 31.71 1.70
N ASP B 180 11.26 32.47 1.37
CA ASP B 180 12.28 31.99 0.46
C ASP B 180 13.08 30.86 1.09
N ILE B 181 13.40 29.85 0.28
CA ILE B 181 14.21 28.72 0.70
C ILE B 181 15.65 29.06 0.42
N ILE B 182 16.47 29.05 1.47
CA ILE B 182 17.87 29.46 1.39
C ILE B 182 18.76 28.37 1.98
N GLY B 183 20.04 28.47 1.65
CA GLY B 183 21.07 27.64 2.23
C GLY B 183 22.16 28.50 2.84
N VAL B 184 22.51 28.24 4.09
CA VAL B 184 23.43 29.07 4.85
C VAL B 184 24.68 28.24 5.15
N GLN B 185 25.84 28.77 4.76
CA GLN B 185 27.14 28.19 5.07
C GLN B 185 27.82 29.09 6.09
N GLY B 186 27.93 28.62 7.33
CA GLY B 186 28.48 29.46 8.36
C GLY B 186 28.91 28.67 9.58
N ASN B 187 29.35 29.41 10.58
CA ASN B 187 29.89 28.90 11.84
C ASN B 187 28.80 28.86 12.90
N PRO B 188 28.59 27.72 13.56
CA PRO B 188 27.61 27.67 14.65
C PRO B 188 28.03 28.57 15.80
N GLY B 189 27.04 29.05 16.56
CA GLY B 189 27.34 29.92 17.67
C GLY B 189 26.10 30.21 18.49
N LYS B 190 26.28 31.09 19.46
CA LYS B 190 25.20 31.48 20.35
C LYS B 190 25.41 32.94 20.73
N THR B 191 24.32 33.70 20.76
CA THR B 191 24.42 35.10 21.14
C THR B 191 24.26 35.26 22.65
N LYS B 192 24.34 36.62 23.03
CA LYS B 192 24.23 36.97 24.47
C LYS B 192 22.90 36.40 25.02
N LYS B 193 21.84 36.50 24.30
CA LYS B 193 20.51 36.12 24.79
C LYS B 193 20.44 34.64 25.13
N GLY B 194 20.95 33.78 24.25
CA GLY B 194 21.07 32.37 24.57
C GLY B 194 20.27 31.41 23.72
N GLU B 195 20.02 31.77 22.46
CA GLU B 195 19.40 30.85 21.51
C GLU B 195 20.39 30.53 20.41
N LEU B 196 20.47 29.24 20.05
CA LEU B 196 21.44 28.78 19.07
C LEU B 196 21.25 29.48 17.73
N SER B 197 22.36 29.91 17.14
CA SER B 197 22.36 30.65 15.89
C SER B 197 23.51 30.17 15.02
N ILE B 198 23.52 30.59 13.77
CA ILE B 198 24.61 30.28 12.85
C ILE B 198 25.05 31.57 12.18
N ILE B 199 26.30 31.97 12.40
CA ILE B 199 26.86 33.16 11.77
C ILE B 199 27.21 32.80 10.34
N PRO B 200 26.59 33.43 9.34
CA PRO B 200 26.80 33.00 7.95
C PRO B 200 28.01 33.65 7.31
N TYR B 201 28.80 32.82 6.63
CA TYR B 201 29.86 33.30 5.77
C TYR B 201 29.37 33.57 4.35
N GLU B 202 28.32 32.88 3.92
CA GLU B 202 27.74 33.07 2.60
C GLU B 202 26.35 32.48 2.58
N ILE B 203 25.36 33.27 2.18
CA ILE B 203 23.97 32.83 2.08
C ILE B 203 23.62 32.69 0.60
N THR B 204 23.05 31.56 0.23
CA THR B 204 22.67 31.27 -1.15
C THR B 204 21.17 31.06 -1.23
N LEU B 205 20.51 31.80 -2.12
CA LEU B 205 19.09 31.63 -2.34
C LEU B 205 18.84 30.43 -3.23
N LEU B 206 18.02 29.49 -2.74
CA LEU B 206 17.73 28.26 -3.46
C LEU B 206 16.38 28.26 -4.16
N SER B 207 15.35 28.83 -3.54
CA SER B 207 14.05 28.87 -4.17
C SER B 207 13.23 30.05 -3.67
N PRO B 208 13.07 31.10 -4.48
CA PRO B 208 12.27 32.25 -4.05
C PRO B 208 10.80 31.89 -3.90
N CYS B 209 10.14 32.58 -2.98
CA CYS B 209 8.70 32.43 -2.77
C CYS B 209 8.01 33.64 -3.39
N LEU B 210 7.37 33.42 -4.55
CA LEU B 210 6.78 34.54 -5.28
C LEU B 210 5.56 35.10 -4.56
N HIS B 211 4.70 34.24 -4.04
CA HIS B 211 3.49 34.69 -3.39
C HIS B 211 3.79 35.17 -1.97
N MET B 212 2.86 35.93 -1.41
CA MET B 212 2.99 36.40 -0.03
C MET B 212 2.49 35.33 0.93
N LEU B 213 3.38 34.86 1.80
CA LEU B 213 2.95 34.00 2.88
C LEU B 213 2.15 34.81 3.88
N PRO B 214 0.93 34.40 4.23
CA PRO B 214 0.14 35.18 5.19
C PRO B 214 0.79 35.21 6.57
N HIS B 215 1.26 36.38 6.98
CA HIS B 215 1.93 36.54 8.27
C HIS B 215 0.88 36.82 9.33
N LEU B 216 0.59 35.81 10.14
CA LEU B 216 -0.36 35.95 11.24
C LEU B 216 -0.04 34.90 12.30
N HIS B 217 -0.36 35.23 13.54
CA HIS B 217 -0.13 34.30 14.62
C HIS B 217 -1.17 33.18 14.60
N PHE B 218 -0.84 32.07 15.27
CA PHE B 218 -1.66 30.89 15.42
C PHE B 218 -1.94 30.18 14.09
N GLY B 219 -1.19 30.49 13.04
CA GLY B 219 -1.41 29.86 11.76
C GLY B 219 -2.68 30.34 11.08
N LEU B 220 -3.06 29.62 10.02
CA LEU B 220 -4.28 29.91 9.29
C LEU B 220 -5.37 28.94 9.74
N LYS B 221 -6.56 29.49 10.00
CA LYS B 221 -7.68 28.71 10.50
C LYS B 221 -8.73 28.42 9.44
N ASP B 222 -8.56 28.92 8.22
CA ASP B 222 -9.54 28.67 7.16
C ASP B 222 -9.44 27.21 6.74
N LYS B 223 -10.48 26.43 7.05
CA LYS B 223 -10.45 25.00 6.77
C LYS B 223 -10.34 24.73 5.27
N GLU B 224 -11.06 25.52 4.47
CA GLU B 224 -11.00 25.33 3.02
C GLU B 224 -9.59 25.54 2.49
N THR B 225 -8.93 26.61 2.94
CA THR B 225 -7.56 26.88 2.49
C THR B 225 -6.61 25.77 2.94
N ARG B 226 -6.76 25.31 4.19
CA ARG B 226 -5.87 24.28 4.70
C ARG B 226 -6.04 22.98 3.94
N TYR B 227 -7.28 22.58 3.66
CA TYR B 227 -7.51 21.29 3.01
C TYR B 227 -7.21 21.34 1.52
N ARG B 228 -7.53 22.45 0.86
CA ARG B 228 -7.25 22.56 -0.57
C ARG B 228 -5.78 22.82 -0.86
N GLN B 229 -5.11 23.58 0.00
CA GLN B 229 -3.68 23.88 -0.13
C GLN B 229 -2.97 23.28 1.08
N ARG B 230 -2.59 22.01 0.96
CA ARG B 230 -1.96 21.33 2.09
C ARG B 230 -0.54 21.81 2.32
N TYR B 231 0.16 22.25 1.27
CA TYR B 231 1.51 22.76 1.44
C TYR B 231 1.52 24.00 2.33
N LEU B 232 0.53 24.88 2.15
CA LEU B 232 0.41 26.06 3.01
C LEU B 232 0.16 25.64 4.46
N ASP B 233 -0.68 24.64 4.67
CA ASP B 233 -0.94 24.16 6.02
C ASP B 233 0.32 23.62 6.66
N LEU B 234 1.11 22.86 5.89
CA LEU B 234 2.36 22.32 6.42
C LEU B 234 3.35 23.44 6.74
N ILE B 235 3.41 24.46 5.89
CA ILE B 235 4.35 25.55 6.11
C ILE B 235 3.96 26.34 7.36
N LEU B 236 2.67 26.69 7.48
CA LEU B 236 2.24 27.58 8.55
C LEU B 236 1.88 26.86 9.84
N ASN B 237 1.33 25.66 9.75
CA ASN B 237 0.92 24.90 10.92
C ASN B 237 1.83 23.70 11.11
N ASP B 238 2.22 23.45 12.35
CA ASP B 238 3.18 22.38 12.66
C ASP B 238 2.51 21.08 13.04
N PHE B 239 1.33 21.12 13.66
CA PHE B 239 0.70 19.89 14.13
C PHE B 239 0.26 18.98 12.99
N VAL B 240 0.15 19.51 11.77
CA VAL B 240 -0.22 18.69 10.63
C VAL B 240 0.85 17.63 10.37
N ARG B 241 2.11 18.03 10.46
CA ARG B 241 3.21 17.08 10.31
C ARG B 241 3.15 16.01 11.38
N GLN B 242 2.83 16.41 12.61
CA GLN B 242 2.69 15.43 13.69
C GLN B 242 1.56 14.44 13.40
N LYS B 243 0.43 14.94 12.90
CA LYS B 243 -0.68 14.06 12.56
C LYS B 243 -0.27 13.04 11.50
N PHE B 244 0.45 13.49 10.47
CA PHE B 244 0.84 12.57 9.42
C PHE B 244 1.92 11.59 9.88
N ILE B 245 2.82 12.02 10.75
CA ILE B 245 3.80 11.11 11.34
C ILE B 245 3.08 10.02 12.13
N ILE B 246 2.08 10.42 12.93
CA ILE B 246 1.33 9.46 13.73
C ILE B 246 0.59 8.48 12.82
N ARG B 247 -0.01 8.99 11.75
CA ARG B 247 -0.71 8.13 10.81
C ARG B 247 0.22 7.11 10.17
N SER B 248 1.41 7.51 9.76
CA SER B 248 2.40 6.57 9.24
C SER B 248 2.88 5.57 10.28
N LYS B 249 3.08 6.00 11.53
CA LYS B 249 3.49 5.09 12.58
C LYS B 249 2.42 4.04 12.87
N ILE B 250 1.14 4.40 12.75
CA ILE B 250 0.08 3.42 12.93
C ILE B 250 0.23 2.28 11.94
N ILE B 251 0.37 2.59 10.66
CA ILE B 251 0.52 1.57 9.62
C ILE B 251 1.81 0.79 9.74
N THR B 252 2.90 1.44 10.13
CA THR B 252 4.15 0.72 10.40
C THR B 252 4.02 -0.26 11.55
N TYR B 253 3.39 0.14 12.65
CA TYR B 253 3.23 -0.76 13.79
C TYR B 253 2.34 -1.93 13.43
N ILE B 254 1.27 -1.67 12.68
CA ILE B 254 0.37 -2.77 12.28
C ILE B 254 1.13 -3.78 11.43
N ARG B 255 1.93 -3.29 10.48
CA ARG B 255 2.71 -4.18 9.63
C ARG B 255 3.70 -4.99 10.45
N SER B 256 4.39 -4.36 11.39
CA SER B 256 5.35 -5.08 12.22
C SER B 256 4.65 -6.14 13.06
N PHE B 257 3.51 -5.77 13.67
CA PHE B 257 2.78 -6.70 14.52
C PHE B 257 2.31 -7.92 13.73
N LEU B 258 1.82 -7.69 12.51
CA LEU B 258 1.33 -8.81 11.72
C LEU B 258 2.47 -9.63 11.12
N ASP B 259 3.61 -9.00 10.83
CA ASP B 259 4.74 -9.74 10.29
C ASP B 259 5.39 -10.63 11.34
N GLU B 260 5.52 -10.12 12.57
CA GLU B 260 6.08 -10.95 13.64
C GLU B 260 5.17 -12.11 14.00
N LEU B 261 3.88 -12.03 13.63
CA LEU B 261 2.96 -13.13 13.88
C LEU B 261 2.98 -14.18 12.77
N GLY B 262 3.72 -13.94 11.69
CA GLY B 262 3.82 -14.88 10.61
C GLY B 262 2.96 -14.60 9.41
N PHE B 263 2.29 -13.46 9.34
CA PHE B 263 1.44 -13.15 8.21
C PHE B 263 2.27 -12.79 6.98
N LEU B 264 1.64 -12.89 5.82
CA LEU B 264 2.26 -12.55 4.54
C LEU B 264 1.48 -11.41 3.90
N GLU B 265 2.19 -10.34 3.53
CA GLU B 265 1.55 -9.20 2.90
C GLU B 265 1.28 -9.50 1.43
N ILE B 266 0.08 -9.14 0.96
CA ILE B 266 -0.36 -9.47 -0.38
C ILE B 266 -0.93 -8.23 -1.04
N GLU B 267 -1.08 -8.31 -2.36
CA GLU B 267 -1.63 -7.21 -3.15
C GLU B 267 -2.73 -7.77 -4.04
N THR B 268 -3.97 -7.51 -3.69
CA THR B 268 -5.15 -7.95 -4.43
C THR B 268 -5.52 -6.92 -5.49
N PRO B 269 -6.19 -7.34 -6.57
CA PRO B 269 -6.57 -6.39 -7.62
C PRO B 269 -7.50 -5.30 -7.09
N MET B 270 -7.31 -4.09 -7.60
CA MET B 270 -8.19 -2.98 -7.27
C MET B 270 -9.34 -2.82 -8.27
N MET B 271 -9.32 -3.57 -9.37
CA MET B 271 -10.39 -3.55 -10.36
C MET B 271 -10.95 -4.96 -10.49
N ASN B 272 -12.26 -5.10 -10.35
CA ASN B 272 -12.94 -6.38 -10.45
C ASN B 272 -13.96 -6.33 -11.58
N ILE B 273 -14.14 -7.49 -12.23
CA ILE B 273 -15.11 -7.58 -13.31
C ILE B 273 -16.52 -7.37 -12.79
N ILE B 274 -16.83 -7.92 -11.62
CA ILE B 274 -18.16 -7.79 -11.04
C ILE B 274 -18.04 -7.17 -9.64
N PRO B 275 -19.00 -6.35 -9.23
CA PRO B 275 -18.91 -5.73 -7.91
C PRO B 275 -19.10 -6.76 -6.80
N GLY B 276 -18.48 -6.47 -5.66
CA GLY B 276 -18.62 -7.34 -4.51
C GLY B 276 -17.55 -7.05 -3.48
N GLY B 277 -17.66 -7.75 -2.34
CA GLY B 277 -16.70 -7.67 -1.28
C GLY B 277 -17.23 -7.07 0.01
N ALA B 278 -18.03 -6.00 -0.11
CA ALA B 278 -18.60 -5.34 1.06
C ALA B 278 -19.78 -4.51 0.61
N VAL B 279 -20.68 -4.22 1.56
CA VAL B 279 -21.91 -3.51 1.28
C VAL B 279 -21.58 -2.05 0.98
N ALA B 280 -21.72 -1.64 -0.28
CA ALA B 280 -21.41 -0.29 -0.73
C ALA B 280 -21.83 -0.13 -2.18
N LYS B 281 -21.63 1.08 -2.71
CA LYS B 281 -21.86 1.40 -4.11
C LYS B 281 -20.52 1.60 -4.79
N PRO B 282 -20.23 0.92 -5.90
CA PRO B 282 -18.88 0.92 -6.45
C PRO B 282 -18.67 2.01 -7.52
N PHE B 283 -17.40 2.23 -7.83
CA PHE B 283 -17.00 3.07 -8.95
C PHE B 283 -16.91 2.22 -10.20
N ILE B 284 -17.51 2.69 -11.28
CA ILE B 284 -17.55 1.96 -12.55
C ILE B 284 -16.59 2.63 -13.52
N THR B 285 -15.71 1.84 -14.11
CA THR B 285 -14.76 2.30 -15.12
C THR B 285 -15.05 1.58 -16.43
N TYR B 286 -14.20 1.78 -17.42
CA TYR B 286 -14.38 1.12 -18.70
C TYR B 286 -13.01 0.87 -19.33
N HIS B 287 -12.58 -0.38 -19.31
CA HIS B 287 -11.37 -0.76 -20.03
C HIS B 287 -11.60 -0.60 -21.53
N ASN B 288 -10.57 -0.17 -22.25
CA ASN B 288 -10.74 0.17 -23.66
C ASN B 288 -10.40 -1.00 -24.58
N GLU B 289 -9.20 -1.57 -24.45
CA GLU B 289 -8.83 -2.68 -25.31
C GLU B 289 -9.77 -3.87 -25.08
N LEU B 290 -9.78 -4.41 -23.88
CA LEU B 290 -10.81 -5.35 -23.48
C LEU B 290 -12.07 -4.55 -23.17
N ASP B 291 -13.20 -4.98 -23.73
CA ASP B 291 -14.38 -4.14 -23.81
C ASP B 291 -15.24 -4.14 -22.56
N MET B 292 -14.76 -4.95 -21.53
CA MET B 292 -15.59 -5.12 -20.30
C MET B 292 -15.62 -3.85 -19.43
N ASN B 293 -16.62 -3.71 -18.57
CA ASN B 293 -16.67 -2.62 -17.61
C ASN B 293 -16.05 -3.10 -16.30
N LEU B 294 -15.06 -2.38 -15.81
CA LEU B 294 -14.41 -2.72 -14.56
C LEU B 294 -15.03 -1.97 -13.39
N TYR B 295 -14.88 -2.53 -12.20
CA TYR B 295 -15.44 -1.95 -10.98
C TYR B 295 -14.35 -1.80 -9.94
N MET B 296 -14.39 -0.69 -9.21
CA MET B 296 -13.38 -0.43 -8.19
C MET B 296 -13.58 -1.34 -6.99
N ARG B 297 -12.48 -1.60 -6.28
CA ARG B 297 -12.51 -2.48 -5.12
C ARG B 297 -13.31 -1.85 -3.99
N ILE B 298 -13.99 -2.71 -3.22
CA ILE B 298 -14.68 -2.29 -2.01
C ILE B 298 -14.08 -3.03 -0.83
N ALA B 299 -13.57 -4.24 -1.10
CA ALA B 299 -12.94 -5.06 -0.07
C ALA B 299 -12.15 -6.19 -0.72
N PRO B 300 -10.99 -6.55 -0.17
CA PRO B 300 -10.23 -7.68 -0.72
C PRO B 300 -10.64 -9.01 -0.13
N GLU B 301 -11.84 -9.04 0.46
CA GLU B 301 -12.27 -10.19 1.25
C GLU B 301 -12.26 -11.48 0.43
N LEU B 302 -12.89 -11.46 -0.75
CA LEU B 302 -13.01 -12.67 -1.54
C LEU B 302 -11.64 -13.17 -2.01
N TYR B 303 -10.79 -12.26 -2.48
CA TYR B 303 -9.48 -12.66 -2.94
C TYR B 303 -8.62 -13.20 -1.80
N HIS B 304 -8.73 -12.59 -0.62
CA HIS B 304 -8.02 -13.11 0.55
C HIS B 304 -8.49 -14.52 0.89
N LYS B 305 -9.80 -14.76 0.82
CA LYS B 305 -10.30 -16.09 1.15
C LYS B 305 -9.87 -17.12 0.11
N MET B 306 -9.83 -16.74 -1.17
CA MET B 306 -9.33 -17.67 -2.17
C MET B 306 -7.84 -17.96 -1.97
N LEU B 307 -7.07 -16.95 -1.55
CA LEU B 307 -5.67 -17.19 -1.25
C LEU B 307 -5.51 -18.14 -0.07
N VAL B 308 -6.35 -17.99 0.96
CA VAL B 308 -6.31 -18.91 2.08
C VAL B 308 -6.69 -20.31 1.64
N VAL B 309 -7.64 -20.42 0.71
CA VAL B 309 -7.97 -21.71 0.11
C VAL B 309 -6.73 -22.28 -0.58
N GLY B 310 -5.96 -21.43 -1.24
CA GLY B 310 -4.79 -21.90 -1.96
C GLY B 310 -3.75 -22.56 -1.07
N GLY B 311 -3.62 -22.10 0.17
CA GLY B 311 -2.70 -22.73 1.09
C GLY B 311 -2.00 -21.77 2.04
N ILE B 312 -2.10 -20.48 1.78
CA ILE B 312 -1.47 -19.47 2.64
C ILE B 312 -2.37 -19.30 3.86
N ASP B 313 -1.91 -19.82 5.01
CA ASP B 313 -2.76 -19.83 6.20
C ASP B 313 -3.08 -18.43 6.68
N ARG B 314 -2.07 -17.55 6.74
CA ARG B 314 -2.24 -16.20 7.26
C ARG B 314 -1.87 -15.21 6.17
N VAL B 315 -2.78 -14.29 5.86
CA VAL B 315 -2.55 -13.23 4.88
C VAL B 315 -3.04 -11.92 5.47
N TYR B 316 -2.48 -10.83 4.95
CA TYR B 316 -2.94 -9.51 5.36
C TYR B 316 -2.61 -8.51 4.27
N GLU B 317 -3.34 -7.39 4.29
CA GLU B 317 -3.18 -6.36 3.29
C GLU B 317 -3.71 -5.04 3.83
N ILE B 318 -2.88 -4.00 3.74
CA ILE B 318 -3.30 -2.65 4.09
C ILE B 318 -3.48 -1.88 2.79
N GLY B 319 -4.72 -1.75 2.33
CA GLY B 319 -4.96 -1.21 1.01
C GLY B 319 -6.01 -0.12 0.96
N ARG B 320 -6.42 0.26 -0.25
CA ARG B 320 -7.36 1.33 -0.47
C ARG B 320 -8.67 0.80 -1.04
N GLN B 321 -9.79 1.30 -0.52
CA GLN B 321 -11.12 0.95 -0.97
C GLN B 321 -11.86 2.22 -1.38
N PHE B 322 -12.71 2.10 -2.39
CA PHE B 322 -13.39 3.22 -3.01
C PHE B 322 -14.90 3.06 -2.86
N ARG B 323 -15.56 4.13 -2.44
CA ARG B 323 -17.02 4.18 -2.33
C ARG B 323 -17.54 5.32 -3.19
N ASN B 324 -18.60 5.05 -3.97
CA ASN B 324 -19.23 6.08 -4.78
C ASN B 324 -20.40 6.71 -4.01
N GLU B 325 -20.07 7.31 -2.87
CA GLU B 325 -21.08 7.91 -2.01
C GLU B 325 -20.73 9.34 -1.65
N GLY B 326 -21.47 9.92 -0.71
CA GLY B 326 -21.27 11.30 -0.34
C GLY B 326 -19.97 11.54 0.41
N ILE B 327 -19.64 12.82 0.54
CA ILE B 327 -18.44 13.26 1.24
C ILE B 327 -18.89 14.11 2.43
N ASP B 328 -18.36 13.79 3.61
CA ASP B 328 -18.67 14.54 4.82
C ASP B 328 -17.43 14.55 5.70
N LEU B 329 -17.62 14.89 6.98
CA LEU B 329 -16.47 15.02 7.91
C LEU B 329 -15.89 13.64 8.26
N THR B 330 -16.67 12.56 8.05
CA THR B 330 -16.20 11.23 8.40
C THR B 330 -16.14 10.27 7.21
N HIS B 331 -16.45 10.73 6.00
CA HIS B 331 -16.48 9.86 4.84
C HIS B 331 -15.66 10.46 3.71
N ASN B 332 -14.90 9.61 3.02
CA ASN B 332 -14.12 9.97 1.86
C ASN B 332 -14.35 8.95 0.76
N PRO B 333 -14.30 9.37 -0.51
CA PRO B 333 -14.46 8.40 -1.60
C PRO B 333 -13.42 7.30 -1.59
N GLU B 334 -12.19 7.58 -1.20
CA GLU B 334 -11.13 6.58 -1.12
C GLU B 334 -10.56 6.58 0.30
N PHE B 335 -10.43 5.40 0.88
CA PHE B 335 -9.95 5.29 2.24
C PHE B 335 -9.17 3.98 2.40
N THR B 336 -8.20 3.99 3.31
CA THR B 336 -7.33 2.84 3.52
C THR B 336 -7.84 2.01 4.69
N THR B 337 -7.83 0.70 4.51
CA THR B 337 -8.22 -0.24 5.54
C THR B 337 -7.24 -1.41 5.57
N CYS B 338 -7.14 -2.04 6.73
CA CYS B 338 -6.27 -3.19 6.93
C CYS B 338 -7.11 -4.44 7.16
N GLU B 339 -6.88 -5.47 6.35
CA GLU B 339 -7.64 -6.70 6.44
C GLU B 339 -6.69 -7.88 6.52
N PHE B 340 -6.89 -8.76 7.50
CA PHE B 340 -6.12 -10.00 7.56
C PHE B 340 -7.06 -11.18 7.71
N TYR B 341 -6.58 -12.34 7.29
CA TYR B 341 -7.31 -13.59 7.38
C TYR B 341 -6.37 -14.67 7.88
N MET B 342 -6.79 -15.39 8.92
CA MET B 342 -5.98 -16.44 9.52
C MET B 342 -6.78 -17.73 9.59
N ALA B 343 -6.18 -18.82 9.10
CA ALA B 343 -6.84 -20.11 9.10
C ALA B 343 -6.70 -20.80 10.46
N TYR B 344 -7.59 -21.77 10.69
CA TYR B 344 -7.62 -22.53 11.94
C TYR B 344 -7.73 -21.60 13.15
N ALA B 345 -8.55 -20.56 13.01
CA ALA B 345 -8.82 -19.61 14.09
C ALA B 345 -10.28 -19.21 14.04
N ASP B 346 -10.81 -18.80 15.19
CA ASP B 346 -12.18 -18.34 15.27
C ASP B 346 -12.21 -16.89 15.71
N TYR B 347 -13.41 -16.31 15.81
CA TYR B 347 -13.53 -14.90 16.18
C TYR B 347 -13.16 -14.63 17.63
N HIS B 348 -13.08 -15.66 18.47
CA HIS B 348 -12.60 -15.49 19.83
C HIS B 348 -11.09 -15.63 19.94
N ASP B 349 -10.43 -16.16 18.91
CA ASP B 349 -8.98 -16.14 18.83
C ASP B 349 -8.45 -14.80 18.36
N LEU B 350 -9.27 -13.98 17.71
CA LEU B 350 -8.86 -12.66 17.27
C LEU B 350 -9.12 -11.58 18.31
N MET B 351 -9.88 -11.87 19.37
CA MET B 351 -10.11 -10.87 20.40
C MET B 351 -8.84 -10.58 21.20
N GLU B 352 -8.08 -11.60 21.59
CA GLU B 352 -6.81 -11.37 22.27
C GLU B 352 -5.81 -10.67 21.36
N ILE B 353 -5.76 -11.07 20.08
CA ILE B 353 -4.85 -10.43 19.13
C ILE B 353 -5.23 -8.96 18.96
N THR B 354 -6.52 -8.67 18.86
CA THR B 354 -6.97 -7.29 18.72
C THR B 354 -6.64 -6.47 19.95
N GLU B 355 -6.86 -7.05 21.14
CA GLU B 355 -6.50 -6.36 22.38
C GLU B 355 -5.02 -6.02 22.38
N LYS B 356 -4.17 -7.01 22.08
CA LYS B 356 -2.74 -6.79 22.08
C LYS B 356 -2.34 -5.72 21.07
N MET B 357 -2.85 -5.83 19.84
CA MET B 357 -2.45 -4.88 18.77
C MET B 357 -2.89 -3.46 19.14
N VAL B 358 -4.14 -3.28 19.59
CA VAL B 358 -4.64 -1.93 19.86
C VAL B 358 -3.93 -1.32 21.06
N SER B 359 -3.78 -2.10 22.13
CA SER B 359 -3.07 -1.58 23.30
C SER B 359 -1.62 -1.25 22.97
N GLY B 360 -0.95 -2.10 22.19
CA GLY B 360 0.41 -1.83 21.78
C GLY B 360 0.53 -0.59 20.93
N MET B 361 -0.40 -0.41 19.99
CA MET B 361 -0.40 0.82 19.16
C MET B 361 -0.53 2.04 20.06
N VAL B 362 -1.52 2.03 20.96
CA VAL B 362 -1.77 3.19 21.81
C VAL B 362 -0.56 3.50 22.69
N LYS B 363 0.02 2.48 23.32
CA LYS B 363 1.17 2.71 24.18
C LYS B 363 2.42 3.10 23.42
N HIS B 364 2.63 2.55 22.23
CA HIS B 364 3.81 2.85 21.43
C HIS B 364 3.75 4.21 20.78
N ILE B 365 2.55 4.75 20.52
CA ILE B 365 2.44 6.06 19.91
C ILE B 365 2.24 7.13 20.97
N THR B 366 1.15 7.03 21.73
CA THR B 366 0.87 8.02 22.76
C THR B 366 1.90 8.00 23.88
N GLY B 367 2.51 6.86 24.16
CA GLY B 367 3.41 6.72 25.28
C GLY B 367 2.77 6.22 26.55
N SER B 368 1.44 6.06 26.57
CA SER B 368 0.73 5.52 27.72
C SER B 368 -0.55 4.86 27.23
N TYR B 369 -1.33 4.33 28.17
CA TYR B 369 -2.58 3.67 27.87
C TYR B 369 -3.79 4.58 27.97
N LYS B 370 -3.60 5.85 28.34
CA LYS B 370 -4.69 6.80 28.54
C LYS B 370 -4.64 7.84 27.43
N VAL B 371 -5.76 8.04 26.74
CA VAL B 371 -5.83 8.95 25.62
C VAL B 371 -7.00 9.91 25.84
N THR B 372 -6.73 11.20 25.67
CA THR B 372 -7.78 12.22 25.75
C THR B 372 -8.24 12.57 24.34
N TYR B 373 -9.55 12.53 24.12
CA TYR B 373 -10.13 12.77 22.80
C TYR B 373 -11.23 13.80 22.91
N HIS B 374 -11.27 14.71 21.94
CA HIS B 374 -12.32 15.72 21.85
C HIS B 374 -13.22 15.42 20.67
N PRO B 375 -14.42 14.89 20.88
CA PRO B 375 -15.27 14.52 19.74
C PRO B 375 -15.93 15.70 19.05
N ASP B 376 -16.17 16.78 19.55
CA ASP B 376 -16.80 17.93 18.85
C ASP B 376 -15.85 19.13 19.02
N GLY B 377 -14.58 18.95 18.78
CA GLY B 377 -13.57 20.03 18.74
C GLY B 377 -12.87 20.17 20.07
N PRO B 378 -11.62 20.69 20.11
CA PRO B 378 -10.87 20.80 21.35
C PRO B 378 -11.63 21.67 22.36
N GLU B 379 -12.35 22.68 21.86
CA GLU B 379 -13.15 23.56 22.75
C GLU B 379 -14.24 22.71 23.44
N GLY B 380 -14.66 21.61 22.81
CA GLY B 380 -15.71 20.75 23.38
C GLY B 380 -15.19 19.93 24.55
N GLN B 381 -16.14 19.21 25.23
CA GLN B 381 -15.77 18.39 26.42
C GLN B 381 -14.68 17.38 26.02
N ALA B 382 -13.80 17.01 27.01
CA ALA B 382 -12.78 16.03 26.68
C ALA B 382 -13.12 14.71 27.34
N TYR B 383 -13.05 13.63 26.57
CA TYR B 383 -13.30 12.29 27.07
C TYR B 383 -11.99 11.55 27.22
N ASP B 384 -11.75 10.99 28.40
CA ASP B 384 -10.50 10.29 28.70
C ASP B 384 -10.75 8.79 28.61
N VAL B 385 -10.30 8.20 27.51
CA VAL B 385 -10.43 6.77 27.30
C VAL B 385 -9.18 6.07 27.80
N ASP B 386 -9.34 4.81 28.19
CA ASP B 386 -8.26 4.00 28.74
C ASP B 386 -8.12 2.73 27.93
N PHE B 387 -6.91 2.44 27.48
CA PHE B 387 -6.63 1.29 26.62
C PHE B 387 -5.89 0.18 27.36
N THR B 388 -6.24 -0.03 28.63
CA THR B 388 -5.69 -1.14 29.39
C THR B 388 -6.08 -2.45 28.70
N PRO B 389 -5.16 -3.39 28.55
CA PRO B 389 -5.39 -4.55 27.67
C PRO B 389 -6.67 -5.32 28.00
N PRO B 390 -7.09 -5.45 29.28
CA PRO B 390 -8.37 -6.10 29.53
C PRO B 390 -9.56 -5.28 29.09
N PHE B 391 -9.87 -5.31 27.78
CA PHE B 391 -11.02 -4.59 27.26
C PHE B 391 -12.31 -5.23 27.74
N ARG B 392 -13.39 -4.46 27.70
CA ARG B 392 -14.70 -4.96 28.08
C ARG B 392 -15.26 -5.86 26.98
N ARG B 393 -16.18 -6.74 27.37
CA ARG B 393 -16.85 -7.64 26.45
C ARG B 393 -18.36 -7.57 26.68
N ILE B 394 -19.11 -7.39 25.60
CA ILE B 394 -20.56 -7.17 25.65
C ILE B 394 -21.21 -8.01 24.57
N ASN B 395 -22.39 -8.56 24.90
CA ASN B 395 -23.20 -9.30 23.94
C ASN B 395 -24.27 -8.38 23.38
N MET B 396 -24.42 -8.39 22.05
CA MET B 396 -25.26 -7.41 21.37
C MET B 396 -26.75 -7.62 21.62
N VAL B 397 -27.19 -8.86 21.83
CA VAL B 397 -28.59 -9.15 22.07
C VAL B 397 -28.89 -9.33 23.55
N GLU B 398 -28.01 -9.99 24.29
CA GLU B 398 -28.24 -10.21 25.72
C GLU B 398 -28.20 -8.90 26.49
N GLU B 399 -27.15 -8.10 26.28
CA GLU B 399 -27.02 -6.84 27.00
C GLU B 399 -28.07 -5.85 26.53
N LEU B 400 -28.47 -5.92 25.26
CA LEU B 400 -29.58 -5.11 24.79
C LEU B 400 -30.85 -5.46 25.54
N GLU B 401 -31.09 -6.75 25.76
CA GLU B 401 -32.24 -7.18 26.55
C GLU B 401 -32.14 -6.66 27.98
N LYS B 402 -30.95 -6.74 28.58
CA LYS B 402 -30.79 -6.30 29.96
C LYS B 402 -31.02 -4.80 30.10
N ALA B 403 -30.46 -4.00 29.20
CA ALA B 403 -30.56 -2.56 29.31
C ALA B 403 -31.95 -2.06 28.93
N LEU B 404 -32.53 -2.62 27.86
CA LEU B 404 -33.83 -2.15 27.40
C LEU B 404 -34.92 -2.44 28.43
N GLY B 405 -34.87 -3.59 29.08
CA GLY B 405 -35.77 -3.90 30.17
C GLY B 405 -36.68 -5.09 29.94
N MET B 406 -37.18 -5.12 28.63
CA MET B 406 -38.14 -6.18 28.25
C MET B 406 -37.46 -7.26 27.41
N LYS B 407 -38.22 -8.33 27.08
CA LYS B 407 -37.72 -9.37 26.19
C LYS B 407 -38.07 -9.01 24.75
N LEU B 408 -37.05 -8.77 23.93
CA LEU B 408 -37.22 -8.54 22.52
C LEU B 408 -37.64 -9.84 21.83
N PRO B 409 -38.05 -9.80 20.57
CA PRO B 409 -38.37 -11.05 19.86
C PRO B 409 -37.18 -11.99 19.87
N GLU B 410 -37.48 -13.29 19.95
CA GLU B 410 -36.45 -14.30 20.13
C GLU B 410 -35.40 -14.22 19.03
N THR B 411 -35.84 -14.20 17.76
CA THR B 411 -35.04 -13.89 16.58
C THR B 411 -33.93 -14.91 16.36
N ASN B 412 -33.80 -15.88 17.26
CA ASN B 412 -32.82 -16.94 17.08
C ASN B 412 -33.28 -17.91 16.00
N LEU B 413 -34.58 -18.21 15.96
CA LEU B 413 -35.16 -19.02 14.89
C LEU B 413 -36.41 -18.35 14.34
N PHE B 414 -36.56 -17.04 14.54
CA PHE B 414 -37.73 -16.29 14.07
C PHE B 414 -37.23 -15.11 13.23
N GLU B 415 -37.44 -15.21 11.92
CA GLU B 415 -37.12 -14.13 10.98
C GLU B 415 -38.33 -13.77 10.14
N THR B 416 -39.53 -14.03 10.65
CA THR B 416 -40.75 -13.76 9.93
C THR B 416 -41.07 -12.26 9.95
N GLU B 417 -42.15 -11.90 9.22
CA GLU B 417 -42.58 -10.50 9.21
C GLU B 417 -43.03 -10.04 10.58
N GLU B 418 -43.45 -10.98 11.44
CA GLU B 418 -43.84 -10.62 12.81
C GLU B 418 -42.66 -10.02 13.56
N THR B 419 -41.47 -10.58 13.37
CA THR B 419 -40.28 -10.04 14.03
C THR B 419 -40.00 -8.62 13.58
N ARG B 420 -40.10 -8.36 12.27
CA ARG B 420 -39.88 -7.01 11.76
C ARG B 420 -40.93 -6.05 12.31
N LYS B 421 -42.19 -6.50 12.38
CA LYS B 421 -43.26 -5.64 12.87
C LYS B 421 -43.05 -5.29 14.35
N ILE B 422 -42.70 -6.28 15.17
CA ILE B 422 -42.50 -6.00 16.58
C ILE B 422 -41.25 -5.14 16.79
N LEU B 423 -40.24 -5.31 15.93
CA LEU B 423 -39.08 -4.43 15.97
C LEU B 423 -39.49 -2.99 15.69
N ASP B 424 -40.34 -2.79 14.67
CA ASP B 424 -40.81 -1.45 14.34
C ASP B 424 -41.63 -0.86 15.48
N ASP B 425 -42.46 -1.70 16.12
CA ASP B 425 -43.23 -1.24 17.28
C ASP B 425 -42.31 -0.82 18.41
N ILE B 426 -41.22 -1.56 18.63
CA ILE B 426 -40.25 -1.18 19.65
C ILE B 426 -39.60 0.15 19.30
N CYS B 427 -39.23 0.32 18.02
CA CYS B 427 -38.62 1.58 17.59
C CYS B 427 -39.56 2.76 17.81
N VAL B 428 -40.85 2.58 17.50
CA VAL B 428 -41.82 3.63 17.76
C VAL B 428 -41.93 3.89 19.27
N ALA B 429 -41.98 2.82 20.07
CA ALA B 429 -42.10 2.98 21.52
C ALA B 429 -40.84 3.58 22.13
N LYS B 430 -39.67 3.27 21.58
CA LYS B 430 -38.41 3.78 22.11
C LYS B 430 -38.06 5.16 21.59
N ALA B 431 -38.89 5.74 20.73
CA ALA B 431 -38.70 7.09 20.19
C ALA B 431 -37.36 7.19 19.46
N VAL B 432 -37.25 6.42 18.38
CA VAL B 432 -36.04 6.41 17.55
C VAL B 432 -36.46 6.57 16.09
N GLU B 433 -35.51 7.00 15.27
CA GLU B 433 -35.72 7.22 13.84
C GLU B 433 -35.08 6.07 13.07
N CYS B 434 -35.80 5.55 12.09
CA CYS B 434 -35.40 4.36 11.35
C CYS B 434 -35.42 4.64 9.85
N PRO B 435 -34.62 3.90 9.08
CA PRO B 435 -34.56 4.18 7.64
C PRO B 435 -35.89 3.91 6.97
N PRO B 436 -36.18 4.58 5.87
CA PRO B 436 -37.44 4.37 5.14
C PRO B 436 -37.64 2.92 4.72
N PRO B 437 -36.58 2.18 4.33
CA PRO B 437 -36.78 0.75 4.06
C PRO B 437 -37.38 -0.01 5.23
N ARG B 438 -37.02 0.34 6.47
CA ARG B 438 -37.62 -0.21 7.67
C ARG B 438 -37.46 -1.73 7.75
N THR B 439 -36.41 -2.26 7.12
CA THR B 439 -36.19 -3.70 7.14
C THR B 439 -35.61 -4.13 8.49
N THR B 440 -35.66 -5.44 8.73
CA THR B 440 -35.27 -5.98 10.03
C THR B 440 -33.82 -5.63 10.39
N ALA B 441 -32.92 -5.78 9.43
CA ALA B 441 -31.51 -5.48 9.68
C ALA B 441 -31.32 -4.02 10.05
N ARG B 442 -31.89 -3.11 9.26
CA ARG B 442 -31.76 -1.69 9.56
C ARG B 442 -32.37 -1.33 10.90
N LEU B 443 -33.56 -1.86 11.19
CA LEU B 443 -34.20 -1.60 12.48
C LEU B 443 -33.29 -2.01 13.62
N LEU B 444 -32.95 -3.30 13.68
CA LEU B 444 -32.17 -3.81 14.80
C LEU B 444 -30.83 -3.09 14.90
N ASP B 445 -30.28 -2.66 13.76
CA ASP B 445 -29.08 -1.83 13.77
C ASP B 445 -29.33 -0.52 14.50
N LYS B 446 -30.47 0.12 14.21
CA LYS B 446 -30.83 1.38 14.91
C LYS B 446 -30.98 1.09 16.41
N LEU B 447 -31.67 0.00 16.75
CA LEU B 447 -31.91 -0.34 18.17
C LEU B 447 -30.57 -0.50 18.90
N VAL B 448 -29.63 -1.25 18.33
CA VAL B 448 -28.33 -1.51 19.03
C VAL B 448 -27.51 -0.21 19.06
N GLY B 449 -27.43 0.51 17.94
CA GLY B 449 -26.61 1.71 17.91
C GLY B 449 -27.07 2.77 18.90
N GLU B 450 -28.39 2.89 19.10
CA GLU B 450 -28.91 3.92 19.98
C GLU B 450 -29.05 3.47 21.44
N PHE B 451 -28.89 2.17 21.73
CA PHE B 451 -29.08 1.70 23.09
C PHE B 451 -27.88 0.95 23.67
N LEU B 452 -26.86 0.64 22.88
CA LEU B 452 -25.69 -0.05 23.38
C LEU B 452 -24.38 0.62 23.03
N GLU B 453 -24.40 1.91 22.69
CA GLU B 453 -23.21 2.55 22.15
C GLU B 453 -22.82 3.83 22.88
N VAL B 454 -23.73 4.41 23.67
CA VAL B 454 -23.42 5.64 24.38
C VAL B 454 -22.32 5.40 25.41
N THR B 455 -22.31 4.24 26.06
CA THR B 455 -21.34 3.93 27.11
C THR B 455 -20.16 3.14 26.59
N CYS B 456 -19.76 3.37 25.33
CA CYS B 456 -18.62 2.69 24.72
C CYS B 456 -17.43 3.64 24.60
N ILE B 457 -17.23 4.50 25.59
CA ILE B 457 -16.10 5.43 25.57
C ILE B 457 -14.80 4.66 25.53
N ASN B 458 -14.52 3.87 26.55
CA ASN B 458 -13.38 2.97 26.54
C ASN B 458 -13.61 1.88 25.50
N PRO B 459 -12.53 1.28 24.99
CA PRO B 459 -12.70 0.21 24.00
C PRO B 459 -13.55 -0.93 24.57
N THR B 460 -14.41 -1.48 23.72
CA THR B 460 -15.40 -2.46 24.15
C THR B 460 -15.68 -3.41 23.01
N PHE B 461 -15.79 -4.71 23.33
CA PHE B 461 -16.05 -5.73 22.27
C PHE B 461 -17.54 -6.10 22.23
N ILE B 462 -18.06 -6.45 21.06
CA ILE B 462 -19.47 -6.90 20.93
C ILE B 462 -19.45 -8.40 20.56
N CYS B 463 -19.76 -9.29 21.51
CA CYS B 463 -19.61 -10.75 21.28
C CYS B 463 -20.26 -11.24 19.96
N ASP B 464 -21.57 -11.11 19.78
CA ASP B 464 -22.22 -11.71 18.57
C ASP B 464 -23.34 -10.83 18.01
N HIS B 465 -23.57 -10.89 16.69
CA HIS B 465 -24.66 -10.11 16.05
C HIS B 465 -25.55 -11.07 15.24
N PRO B 466 -26.88 -10.79 15.10
CA PRO B 466 -27.78 -11.67 14.34
C PRO B 466 -27.30 -11.93 12.92
N GLN B 467 -27.68 -13.10 12.37
CA GLN B 467 -27.17 -13.54 11.08
C GLN B 467 -27.59 -12.62 9.94
N ILE B 468 -28.75 -11.96 10.05
CA ILE B 468 -29.28 -11.22 8.91
C ILE B 468 -28.39 -10.04 8.57
N MET B 469 -27.61 -9.57 9.56
CA MET B 469 -26.62 -8.52 9.25
C MET B 469 -25.25 -9.20 9.09
N SER B 470 -25.24 -10.41 8.49
CA SER B 470 -23.99 -11.16 8.37
C SER B 470 -24.07 -12.13 7.19
N PRO B 471 -23.88 -11.66 5.96
CA PRO B 471 -23.91 -12.55 4.79
C PRO B 471 -22.63 -13.33 4.54
N LEU B 472 -21.58 -13.12 5.36
CA LEU B 472 -20.32 -13.82 5.15
C LEU B 472 -19.76 -14.39 6.44
N ALA B 473 -20.52 -14.43 7.53
CA ALA B 473 -20.06 -14.92 8.81
C ALA B 473 -20.72 -16.24 9.14
N LYS B 474 -19.95 -17.18 9.68
CA LYS B 474 -20.48 -18.47 10.04
C LYS B 474 -21.47 -18.35 11.20
N TRP B 475 -22.48 -19.22 11.19
CA TRP B 475 -23.49 -19.22 12.24
C TRP B 475 -22.87 -19.58 13.59
N HIS B 476 -23.51 -19.11 14.65
CA HIS B 476 -23.03 -19.39 16.00
C HIS B 476 -23.06 -20.89 16.28
N ARG B 477 -22.00 -21.39 16.90
CA ARG B 477 -21.88 -22.83 17.13
C ARG B 477 -22.92 -23.35 18.10
N SER B 478 -23.36 -22.51 19.05
CA SER B 478 -24.31 -22.93 20.07
C SER B 478 -25.68 -22.28 19.87
N LYS B 479 -25.74 -20.96 19.79
CA LYS B 479 -27.01 -20.27 19.62
C LYS B 479 -27.41 -20.24 18.15
N GLU B 480 -28.70 -20.13 17.91
CA GLU B 480 -29.26 -20.04 16.56
C GLU B 480 -29.49 -18.60 16.19
N GLY B 481 -29.45 -18.31 14.89
CA GLY B 481 -29.72 -16.97 14.41
C GLY B 481 -28.56 -16.02 14.58
N LEU B 482 -27.71 -16.27 15.57
CA LEU B 482 -26.55 -15.44 15.81
C LEU B 482 -25.38 -15.91 14.97
N THR B 483 -24.41 -15.02 14.78
CA THR B 483 -23.22 -15.32 14.01
C THR B 483 -21.96 -15.02 14.83
N GLU B 484 -20.85 -15.57 14.39
CA GLU B 484 -19.56 -15.37 15.05
C GLU B 484 -18.98 -14.06 14.52
N ARG B 485 -19.25 -12.98 15.24
CA ARG B 485 -18.96 -11.63 14.78
C ARG B 485 -18.77 -10.73 16.00
N PHE B 486 -17.56 -10.24 16.20
CA PHE B 486 -17.34 -9.23 17.23
C PHE B 486 -16.92 -7.91 16.59
N GLU B 487 -17.12 -6.84 17.35
CA GLU B 487 -16.86 -5.49 16.87
C GLU B 487 -16.17 -4.71 17.99
N LEU B 488 -15.10 -4.01 17.67
CA LEU B 488 -14.43 -3.19 18.67
C LEU B 488 -14.86 -1.74 18.54
N PHE B 489 -15.38 -1.18 19.63
CA PHE B 489 -15.90 0.18 19.65
C PHE B 489 -15.10 1.00 20.65
N VAL B 490 -14.52 2.10 20.16
CA VAL B 490 -13.88 3.09 21.01
C VAL B 490 -14.50 4.44 20.67
N MET B 491 -14.79 5.23 21.69
CA MET B 491 -15.41 6.55 21.51
C MET B 491 -16.69 6.46 20.68
N LYS B 492 -17.48 5.42 20.96
CA LYS B 492 -18.77 5.16 20.32
C LYS B 492 -18.64 4.86 18.83
N LYS B 493 -17.43 4.58 18.34
CA LYS B 493 -17.22 4.32 16.94
C LYS B 493 -16.48 2.99 16.77
N GLU B 494 -16.88 2.23 15.76
CA GLU B 494 -16.25 0.95 15.45
C GLU B 494 -14.93 1.20 14.74
N ILE B 495 -13.87 0.54 15.20
CA ILE B 495 -12.57 0.61 14.55
C ILE B 495 -12.27 -0.67 13.79
N CYS B 496 -12.44 -1.82 14.43
CA CYS B 496 -12.17 -3.11 13.80
C CYS B 496 -13.32 -4.06 14.09
N ASN B 497 -13.50 -5.00 13.17
CA ASN B 497 -14.53 -6.04 13.29
C ASN B 497 -14.01 -7.31 12.65
N ALA B 498 -14.39 -8.44 13.23
CA ALA B 498 -13.88 -9.73 12.78
C ALA B 498 -15.01 -10.74 12.67
N TYR B 499 -14.81 -11.71 11.78
CA TYR B 499 -15.79 -12.75 11.51
C TYR B 499 -15.11 -14.10 11.64
N THR B 500 -15.90 -15.12 11.96
CA THR B 500 -15.54 -16.49 11.63
C THR B 500 -16.14 -16.83 10.28
N GLU B 501 -15.29 -16.99 9.28
CA GLU B 501 -15.74 -17.04 7.89
C GLU B 501 -16.53 -18.30 7.59
N LEU B 502 -17.51 -18.15 6.70
CA LEU B 502 -18.36 -19.25 6.27
C LEU B 502 -17.64 -20.03 5.17
N ASN B 503 -17.28 -21.27 5.47
CA ASN B 503 -16.61 -22.14 4.52
C ASN B 503 -17.57 -23.08 3.80
N ASP B 504 -18.86 -23.01 4.08
CA ASP B 504 -19.83 -23.87 3.42
C ASP B 504 -20.14 -23.32 2.03
N PRO B 505 -19.92 -24.09 0.97
CA PRO B 505 -20.23 -23.57 -0.38
C PRO B 505 -21.71 -23.43 -0.63
N MET B 506 -22.53 -24.37 -0.16
CA MET B 506 -23.97 -24.31 -0.41
C MET B 506 -24.59 -23.11 0.32
N ARG B 507 -24.24 -22.92 1.58
CA ARG B 507 -24.78 -21.79 2.34
C ARG B 507 -24.30 -20.47 1.76
N GLN B 508 -23.03 -20.39 1.35
CA GLN B 508 -22.53 -19.17 0.74
C GLN B 508 -23.26 -18.88 -0.57
N ARG B 509 -23.51 -19.90 -1.38
CA ARG B 509 -24.25 -19.70 -2.61
C ARG B 509 -25.67 -19.23 -2.32
N GLN B 510 -26.31 -19.80 -1.31
CA GLN B 510 -27.66 -19.37 -0.94
C GLN B 510 -27.67 -17.90 -0.53
N LEU B 511 -26.70 -17.50 0.29
CA LEU B 511 -26.64 -16.10 0.74
C LEU B 511 -26.35 -15.17 -0.43
N PHE B 512 -25.48 -15.59 -1.36
CA PHE B 512 -25.22 -14.80 -2.55
C PHE B 512 -26.49 -14.65 -3.39
N GLU B 513 -27.27 -15.72 -3.51
CA GLU B 513 -28.53 -15.65 -4.24
C GLU B 513 -29.50 -14.69 -3.59
N GLU B 514 -29.59 -14.72 -2.25
CA GLU B 514 -30.46 -13.76 -1.56
C GLU B 514 -29.98 -12.33 -1.77
N GLN B 515 -28.67 -12.10 -1.74
CA GLN B 515 -28.15 -10.76 -1.98
C GLN B 515 -28.48 -10.29 -3.40
N ALA B 516 -28.32 -11.17 -4.38
CA ALA B 516 -28.65 -10.81 -5.76
C ALA B 516 -30.14 -10.53 -5.91
N LYS B 517 -30.99 -11.32 -5.25
CA LYS B 517 -32.42 -11.08 -5.30
C LYS B 517 -32.77 -9.73 -4.67
N ALA B 518 -32.13 -9.39 -3.56
CA ALA B 518 -32.35 -8.09 -2.93
C ALA B 518 -31.91 -6.96 -3.86
N LYS B 519 -30.77 -7.12 -4.52
CA LYS B 519 -30.31 -6.11 -5.47
C LYS B 519 -31.29 -5.94 -6.61
N ALA B 520 -31.81 -7.04 -7.14
CA ALA B 520 -32.80 -6.96 -8.20
C ALA B 520 -34.09 -6.32 -7.70
N ALA B 521 -34.42 -6.50 -6.42
CA ALA B 521 -35.60 -5.87 -5.85
C ALA B 521 -35.45 -4.36 -5.68
N GLY B 522 -34.23 -3.83 -5.79
CA GLY B 522 -34.03 -2.39 -5.68
C GLY B 522 -33.08 -1.99 -4.58
N ASP B 523 -32.17 -2.90 -4.20
CA ASP B 523 -31.18 -2.62 -3.16
C ASP B 523 -29.86 -2.24 -3.84
N ASP B 524 -29.49 -0.96 -3.74
CA ASP B 524 -28.26 -0.49 -4.33
C ASP B 524 -27.03 -0.95 -3.55
N GLU B 525 -27.20 -1.34 -2.28
CA GLU B 525 -26.10 -1.73 -1.42
C GLU B 525 -25.89 -3.24 -1.38
N ALA B 526 -26.56 -4.00 -2.23
CA ALA B 526 -26.40 -5.44 -2.27
C ALA B 526 -25.33 -5.82 -3.31
N MET B 527 -24.71 -6.98 -3.07
CA MET B 527 -23.69 -7.53 -3.95
C MET B 527 -24.32 -8.48 -4.98
N PHE B 528 -23.49 -8.93 -5.90
CA PHE B 528 -23.85 -9.91 -6.91
C PHE B 528 -23.34 -11.28 -6.49
N ILE B 529 -23.46 -12.26 -7.39
CA ILE B 529 -22.98 -13.62 -7.14
C ILE B 529 -21.70 -13.85 -7.93
N ASP B 530 -20.64 -14.22 -7.22
CA ASP B 530 -19.34 -14.50 -7.83
C ASP B 530 -19.15 -16.01 -7.87
N GLU B 531 -19.18 -16.58 -9.08
CA GLU B 531 -19.08 -18.02 -9.22
C GLU B 531 -17.65 -18.52 -9.03
N ASN B 532 -16.65 -17.68 -9.32
CA ASN B 532 -15.27 -18.09 -9.07
C ASN B 532 -15.02 -18.32 -7.58
N PHE B 533 -15.53 -17.44 -6.73
CA PHE B 533 -15.41 -17.64 -5.29
C PHE B 533 -16.18 -18.87 -4.84
N CYS B 534 -17.33 -19.13 -5.47
CA CYS B 534 -18.09 -20.34 -5.14
C CYS B 534 -17.30 -21.59 -5.48
N THR B 535 -16.63 -21.60 -6.64
CA THR B 535 -15.77 -22.72 -6.99
C THR B 535 -14.60 -22.87 -6.02
N ALA B 536 -14.00 -21.73 -5.63
CA ALA B 536 -12.91 -21.78 -4.66
C ALA B 536 -13.37 -22.39 -3.36
N LEU B 537 -14.57 -22.02 -2.89
CA LEU B 537 -15.13 -22.64 -1.70
C LEU B 537 -15.40 -24.12 -1.93
N GLU B 538 -15.86 -24.49 -3.13
CA GLU B 538 -16.07 -25.89 -3.46
C GLU B 538 -14.79 -26.70 -3.40
N TYR B 539 -13.64 -26.07 -3.60
CA TYR B 539 -12.37 -26.75 -3.47
C TYR B 539 -11.91 -26.90 -2.02
N GLY B 540 -12.61 -26.28 -1.07
CA GLY B 540 -12.30 -26.47 0.33
C GLY B 540 -11.64 -25.29 1.00
N LEU B 541 -12.33 -24.67 1.95
CA LEU B 541 -11.79 -23.56 2.72
C LEU B 541 -11.62 -24.00 4.16
N PRO B 542 -10.43 -23.86 4.76
CA PRO B 542 -10.25 -24.26 6.15
C PRO B 542 -11.04 -23.36 7.08
N PRO B 543 -11.27 -23.78 8.32
CA PRO B 543 -11.89 -22.88 9.30
C PRO B 543 -11.03 -21.63 9.48
N THR B 544 -11.58 -20.49 9.07
CA THR B 544 -10.81 -19.26 9.03
C THR B 544 -11.50 -18.18 9.87
N ALA B 545 -10.74 -17.13 10.16
CA ALA B 545 -11.26 -15.94 10.80
C ALA B 545 -10.69 -14.73 10.08
N GLY B 546 -11.56 -13.78 9.74
CA GLY B 546 -11.12 -12.56 9.11
C GLY B 546 -11.29 -11.36 10.01
N TRP B 547 -10.49 -10.32 9.73
CA TRP B 547 -10.45 -9.15 10.61
C TRP B 547 -10.18 -7.92 9.76
N GLY B 548 -10.95 -6.87 9.98
CA GLY B 548 -10.78 -5.64 9.24
C GLY B 548 -10.80 -4.43 10.16
N MET B 549 -9.99 -3.44 9.80
CA MET B 549 -9.83 -2.24 10.60
C MET B 549 -9.78 -1.01 9.70
N GLY B 550 -10.43 0.05 10.16
CA GLY B 550 -10.39 1.32 9.46
C GLY B 550 -9.25 2.20 9.95
N ILE B 551 -8.22 2.36 9.12
CA ILE B 551 -7.03 3.09 9.54
C ILE B 551 -7.34 4.56 9.78
N ASP B 552 -8.24 5.13 8.97
CA ASP B 552 -8.52 6.55 9.07
C ASP B 552 -9.17 6.90 10.41
N ARG B 553 -10.12 6.08 10.86
CA ARG B 553 -10.77 6.36 12.14
C ARG B 553 -9.79 6.21 13.30
N VAL B 554 -8.91 5.21 13.23
CA VAL B 554 -7.91 5.03 14.27
C VAL B 554 -6.97 6.24 14.32
N ALA B 555 -6.55 6.72 13.15
CA ALA B 555 -5.70 7.90 13.10
C ALA B 555 -6.43 9.12 13.63
N MET B 556 -7.74 9.22 13.36
CA MET B 556 -8.52 10.31 13.90
C MET B 556 -8.54 10.26 15.43
N PHE B 557 -8.71 9.07 16.00
CA PHE B 557 -8.74 8.95 17.44
C PHE B 557 -7.38 9.23 18.06
N LEU B 558 -6.31 8.80 17.41
CA LEU B 558 -4.96 8.93 17.96
C LEU B 558 -4.36 10.32 17.75
N THR B 559 -4.99 11.18 16.96
CA THR B 559 -4.49 12.53 16.73
C THR B 559 -5.45 13.60 17.25
N ASP B 560 -6.46 13.22 18.03
CA ASP B 560 -7.46 14.15 18.57
C ASP B 560 -8.10 14.96 17.45
N SER B 561 -8.38 14.29 16.33
CA SER B 561 -8.98 14.91 15.16
C SER B 561 -10.39 14.35 14.97
N ASN B 562 -11.36 15.25 14.86
CA ASN B 562 -12.76 14.86 14.68
C ASN B 562 -13.20 14.92 13.23
N ASN B 563 -12.27 15.13 12.30
CA ASN B 563 -12.58 15.22 10.89
C ASN B 563 -11.64 14.32 10.11
N ILE B 564 -12.19 13.55 9.17
CA ILE B 564 -11.36 12.67 8.35
C ILE B 564 -10.44 13.46 7.44
N LYS B 565 -10.76 14.73 7.17
CA LYS B 565 -9.91 15.53 6.30
C LYS B 565 -8.61 15.89 6.98
N GLU B 566 -8.58 15.94 8.31
CA GLU B 566 -7.36 16.32 9.03
C GLU B 566 -6.33 15.21 8.99
N VAL B 567 -6.76 13.96 8.83
CA VAL B 567 -5.84 12.82 8.77
C VAL B 567 -5.59 12.37 7.34
N LEU B 568 -6.06 13.13 6.36
CA LEU B 568 -5.83 12.84 4.95
C LEU B 568 -4.94 13.92 4.35
N LEU B 569 -3.95 13.50 3.57
CA LEU B 569 -3.03 14.45 2.97
C LEU B 569 -3.75 15.39 2.02
N PHE B 570 -4.50 14.82 1.07
CA PHE B 570 -5.25 15.60 0.08
C PHE B 570 -6.67 15.07 0.03
N PRO B 571 -7.52 15.45 0.99
CA PRO B 571 -8.90 14.99 0.98
C PRO B 571 -9.66 15.53 -0.23
N ALA B 572 -10.61 14.74 -0.69
CA ALA B 572 -11.45 15.12 -1.82
C ALA B 572 -12.47 16.15 -1.36
N MET B 573 -12.50 17.30 -2.03
CA MET B 573 -13.38 18.39 -1.67
C MET B 573 -14.30 18.72 -2.84
N LYS B 574 -15.22 19.65 -2.60
CA LYS B 574 -16.14 20.11 -3.63
C LYS B 574 -15.35 20.79 -4.75
N PRO B 575 -15.74 20.61 -6.01
CA PRO B 575 -14.94 21.17 -7.11
C PRO B 575 -14.96 22.69 -7.18
N GLU B 576 -15.57 23.38 -6.21
CA GLU B 576 -15.64 24.84 -6.15
C GLU B 576 -14.38 25.55 -6.63
#